data_4H2U
#
_entry.id   4H2U
#
_cell.length_a   90.709
_cell.length_b   100.904
_cell.length_c   104.266
_cell.angle_alpha   90.000
_cell.angle_beta   90.000
_cell.angle_gamma   90.000
#
_symmetry.space_group_name_H-M   'P 21 21 21'
#
loop_
_entity.id
_entity.type
_entity.pdbx_description
1 polymer 'Amino acid--[acyl-carrier-protein] ligase 1'
2 polymer 'Aminoacyl carrier protein 1'
3 non-polymer 'ZINC ION'
4 non-polymer "ADENOSINE-5'-TRIPHOSPHATE"
5 non-polymer 'MAGNESIUM ION'
6 non-polymer 'SULFATE ION'
7 non-polymer 'ACETATE ION'
8 non-polymer "4'-PHOSPHOPANTETHEINE"
9 water water
#
loop_
_entity_poly.entity_id
_entity_poly.type
_entity_poly.pdbx_seq_one_letter_code
_entity_poly.pdbx_strand_id
1 'polypeptide(L)'
;MGSSHHHHHHSSGLVPRGSHMNIAVLPNSPDTAPQIADPLDHLADKLFHSMGSDGVYARTALYESIVERLAALITSHREA
GTEALRFPPVMSRAQLEKSGYLKSFPNLLGCVCGLHGTEREINAAVSRFDAGGDWTTSLSPADLVLSPAACYPVYPIAAS
RGPLPKGGLRFDVAADCFRREPSKHLDRLQSFRMREYVCIGTPDDVSDFRERWMVRAQAIARDLGLTFRVDYASDPFFGR
VGQMKAVSQKQQQLKFELLIPLRSEEQPTACMSFNYHREHFGTTWGIQDANGEPAHTGCVAFGMDRLAVAMFHTHGTDLS
AWPAKVRDILGLQPHVAAGAHGEGWR
;
A,B
2 'polypeptide(L)'
;MGSSHHHHHHSSGLVPRGSHMQAFNTDVRNRIIKLVKGILEQNALAADVTPQAKLVDVGLTSMDMVNLMLGVEAEFDFTI
PQSEITPENFQSVETLERMVMTQLQPATAA
;
C,D
#
loop_
_chem_comp.id
_chem_comp.type
_chem_comp.name
_chem_comp.formula
ACT non-polymer 'ACETATE ION' 'C2 H3 O2 -1'
ATP non-polymer ADENOSINE-5'-TRIPHOSPHATE 'C10 H16 N5 O13 P3'
MG non-polymer 'MAGNESIUM ION' 'Mg 2'
PNS non-polymer 4'-PHOSPHOPANTETHEINE 'C11 H23 N2 O7 P S'
SO4 non-polymer 'SULFATE ION' 'O4 S -2'
ZN non-polymer 'ZINC ION' 'Zn 2'
#
# COMPACT_ATOMS: atom_id res chain seq x y z
N ASP A 38 -24.61 15.63 1.05
CA ASP A 38 -24.64 14.35 1.75
C ASP A 38 -24.43 14.56 3.24
N PRO A 39 -25.18 13.83 4.07
CA PRO A 39 -25.11 13.96 5.53
C PRO A 39 -23.71 13.73 6.14
N LEU A 40 -22.87 12.93 5.50
CA LEU A 40 -21.55 12.67 6.07
C LEU A 40 -20.52 13.76 5.74
N ASP A 41 -20.82 14.59 4.74
CA ASP A 41 -19.83 15.51 4.18
C ASP A 41 -19.15 16.41 5.20
N HIS A 42 -19.92 16.85 6.19
CA HIS A 42 -19.41 17.76 7.22
C HIS A 42 -18.28 17.15 8.06
N LEU A 43 -18.17 15.83 8.05
CA LEU A 43 -17.12 15.15 8.82
C LEU A 43 -15.75 15.23 8.15
N ALA A 44 -15.74 15.54 6.86
CA ALA A 44 -14.52 15.48 6.07
C ALA A 44 -13.39 16.31 6.65
N ASP A 45 -13.71 17.53 7.05
CA ASP A 45 -12.68 18.46 7.48
CA ASP A 45 -12.75 18.53 7.55
C ASP A 45 -11.89 18.01 8.71
N LYS A 46 -12.50 17.24 9.60
CA LYS A 46 -11.78 16.76 10.76
C LYS A 46 -11.13 15.39 10.55
N LEU A 47 -11.63 14.62 9.59
CA LEU A 47 -11.23 13.23 9.46
C LEU A 47 -10.24 12.94 8.32
N PHE A 48 -10.31 13.73 7.26
CA PHE A 48 -9.68 13.33 5.99
C PHE A 48 -9.04 14.50 5.31
N HIS A 49 -8.05 14.20 4.45
CA HIS A 49 -7.54 15.19 3.51
C HIS A 49 -7.65 14.61 2.10
N SER A 50 -7.98 15.45 1.14
CA SER A 50 -8.07 15.05 -0.25
C SER A 50 -6.71 14.59 -0.75
N MET A 51 -6.72 13.49 -1.50
CA MET A 51 -5.53 12.98 -2.17
C MET A 51 -5.70 13.04 -3.67
N GLY A 52 -6.67 13.83 -4.12
CA GLY A 52 -6.90 14.05 -5.54
C GLY A 52 -7.57 12.89 -6.25
N SER A 53 -8.32 12.09 -5.54
CA SER A 53 -9.05 10.98 -6.16
C SER A 53 -10.21 10.56 -5.28
N ASP A 54 -11.40 10.51 -5.87
CA ASP A 54 -12.60 10.15 -5.14
C ASP A 54 -12.44 8.80 -4.44
N GLY A 55 -12.74 8.76 -3.15
CA GLY A 55 -12.68 7.51 -2.39
C GLY A 55 -11.31 7.12 -1.89
N VAL A 56 -10.35 8.02 -2.05
CA VAL A 56 -8.99 7.77 -1.58
C VAL A 56 -8.57 8.98 -0.73
N TYR A 57 -8.51 8.81 0.59
CA TYR A 57 -8.27 9.95 1.48
C TYR A 57 -7.13 9.70 2.45
N ALA A 58 -6.40 10.77 2.77
CA ALA A 58 -5.43 10.74 3.83
C ALA A 58 -6.20 10.82 5.15
N ARG A 59 -5.74 10.08 6.16
CA ARG A 59 -6.42 10.03 7.44
C ARG A 59 -5.72 10.87 8.51
N THR A 60 -6.50 11.73 9.19
CA THR A 60 -5.95 12.56 10.29
C THR A 60 -5.66 11.69 11.49
N ALA A 61 -4.89 12.23 12.42
CA ALA A 61 -4.56 11.55 13.66
C ALA A 61 -5.85 11.24 14.45
N LEU A 62 -6.79 12.19 14.48
CA LEU A 62 -8.07 11.97 15.14
C LEU A 62 -8.78 10.73 14.59
N TYR A 63 -8.92 10.68 13.28
CA TYR A 63 -9.61 9.54 12.64
C TYR A 63 -8.87 8.22 12.92
N GLU A 64 -7.56 8.22 12.73
CA GLU A 64 -6.80 6.97 12.86
C GLU A 64 -6.80 6.52 14.34
N SER A 65 -6.87 7.45 15.29
CA SER A 65 -6.91 7.02 16.70
C SER A 65 -8.16 6.18 17.00
N ILE A 66 -9.27 6.52 16.36
CA ILE A 66 -10.52 5.78 16.55
C ILE A 66 -10.52 4.45 15.77
N VAL A 67 -10.00 4.45 14.53
CA VAL A 67 -9.81 3.18 13.82
C VAL A 67 -9.01 2.20 14.70
N GLU A 68 -7.96 2.71 15.32
CA GLU A 68 -7.07 1.88 16.13
CA GLU A 68 -7.06 1.89 16.16
C GLU A 68 -7.79 1.33 17.37
N ARG A 69 -8.59 2.17 18.03
CA ARG A 69 -9.33 1.73 19.20
C ARG A 69 -10.40 0.72 18.81
N LEU A 70 -11.06 0.93 17.68
CA LEU A 70 -12.01 -0.05 17.17
C LEU A 70 -11.33 -1.39 16.87
N ALA A 71 -10.14 -1.34 16.28
CA ALA A 71 -9.40 -2.57 15.94
C ALA A 71 -9.05 -3.33 17.23
N ALA A 72 -8.63 -2.59 18.26
CA ALA A 72 -8.28 -3.19 19.53
C ALA A 72 -9.52 -3.79 20.21
N LEU A 73 -10.66 -3.09 20.09
CA LEU A 73 -11.91 -3.60 20.65
C LEU A 73 -12.29 -4.92 19.98
N ILE A 74 -12.20 -4.93 18.66
CA ILE A 74 -12.50 -6.15 17.91
C ILE A 74 -11.57 -7.30 18.33
N THR A 75 -10.29 -7.01 18.51
CA THR A 75 -9.31 -8.02 18.92
C THR A 75 -9.71 -8.63 20.26
N SER A 76 -10.16 -7.78 21.19
CA SER A 76 -10.51 -8.21 22.52
C SER A 76 -11.70 -9.17 22.52
N HIS A 77 -12.47 -9.22 21.42
CA HIS A 77 -13.55 -10.19 21.31
C HIS A 77 -13.18 -11.45 20.50
N ARG A 78 -11.91 -11.59 20.15
CA ARG A 78 -11.47 -12.75 19.36
C ARG A 78 -11.65 -14.05 20.13
N GLU A 79 -12.18 -15.08 19.48
CA GLU A 79 -12.36 -16.39 20.13
C GLU A 79 -11.02 -17.06 20.35
N ALA A 80 -10.90 -17.79 21.46
CA ALA A 80 -9.67 -18.55 21.71
C ALA A 80 -9.40 -19.53 20.56
N GLY A 81 -8.12 -19.81 20.29
CA GLY A 81 -7.75 -20.75 19.26
C GLY A 81 -7.78 -20.16 17.86
N THR A 82 -7.71 -18.84 17.77
CA THR A 82 -7.85 -18.16 16.48
C THR A 82 -6.48 -17.67 16.05
N GLU A 83 -6.02 -18.10 14.88
CA GLU A 83 -4.71 -17.70 14.38
C GLU A 83 -4.76 -16.35 13.65
N ALA A 84 -3.96 -15.38 14.10
CA ALA A 84 -3.99 -14.04 13.51
C ALA A 84 -2.96 -13.88 12.38
N LEU A 85 -3.43 -13.56 11.18
CA LEU A 85 -2.52 -13.23 10.06
C LEU A 85 -2.78 -11.82 9.56
N ARG A 86 -1.74 -11.13 9.12
CA ARG A 86 -1.94 -9.83 8.51
C ARG A 86 -1.47 -9.88 7.09
N PHE A 87 -2.33 -9.45 6.18
CA PHE A 87 -2.01 -9.49 4.76
C PHE A 87 -1.65 -8.09 4.24
N PRO A 88 -0.73 -8.03 3.27
CA PRO A 88 -0.42 -6.78 2.57
C PRO A 88 -1.58 -6.38 1.66
N PRO A 89 -1.54 -5.17 1.06
CA PRO A 89 -2.64 -4.72 0.19
C PRO A 89 -2.68 -5.42 -1.16
N VAL A 90 -1.73 -6.29 -1.47
CA VAL A 90 -1.75 -7.01 -2.74
C VAL A 90 -1.73 -8.51 -2.49
N MET A 91 -2.22 -9.26 -3.48
CA MET A 91 -2.16 -10.72 -3.40
C MET A 91 -1.95 -11.34 -4.77
N SER A 92 -1.76 -12.65 -4.80
CA SER A 92 -1.48 -13.35 -6.04
C SER A 92 -2.69 -13.28 -6.97
N ARG A 93 -2.47 -12.81 -8.19
CA ARG A 93 -3.55 -12.79 -9.18
C ARG A 93 -4.08 -14.21 -9.49
N ALA A 94 -3.18 -15.18 -9.57
CA ALA A 94 -3.59 -16.56 -9.85
C ALA A 94 -4.45 -17.12 -8.73
N GLN A 95 -4.10 -16.80 -7.48
CA GLN A 95 -4.94 -17.23 -6.36
C GLN A 95 -6.32 -16.60 -6.39
N LEU A 96 -6.39 -15.34 -6.78
CA LEU A 96 -7.70 -14.69 -6.80
C LEU A 96 -8.54 -15.18 -7.96
N GLU A 97 -7.90 -15.35 -9.12
CA GLU A 97 -8.54 -15.98 -10.28
C GLU A 97 -9.10 -17.35 -9.90
N LYS A 98 -8.28 -18.18 -9.27
CA LYS A 98 -8.70 -19.51 -8.83
C LYS A 98 -9.90 -19.45 -7.86
N SER A 99 -9.96 -18.41 -7.03
CA SER A 99 -11.06 -18.29 -6.07
C SER A 99 -12.38 -17.91 -6.71
N GLY A 100 -12.35 -17.55 -7.99
CA GLY A 100 -13.58 -17.31 -8.72
C GLY A 100 -14.04 -15.87 -8.70
N TYR A 101 -13.18 -14.97 -8.27
CA TYR A 101 -13.55 -13.56 -8.18
C TYR A 101 -14.04 -12.96 -9.50
N LEU A 102 -13.51 -13.45 -10.63
CA LEU A 102 -13.88 -12.90 -11.94
C LEU A 102 -15.30 -13.25 -12.38
N LYS A 103 -15.86 -14.31 -11.85
CA LYS A 103 -17.22 -14.68 -12.19
C LYS A 103 -18.22 -13.82 -11.39
N SER A 104 -17.73 -13.09 -10.40
CA SER A 104 -18.62 -12.35 -9.52
C SER A 104 -18.48 -10.84 -9.63
N PHE A 105 -17.26 -10.33 -9.44
CA PHE A 105 -17.05 -8.88 -9.44
C PHE A 105 -15.89 -8.40 -10.32
N PRO A 106 -15.87 -8.78 -11.61
CA PRO A 106 -14.73 -8.38 -12.47
C PRO A 106 -14.59 -6.87 -12.58
N ASN A 107 -15.70 -6.14 -12.48
CA ASN A 107 -15.72 -4.70 -12.59
C ASN A 107 -15.12 -3.96 -11.40
N LEU A 108 -14.91 -4.68 -10.30
CA LEU A 108 -14.42 -4.06 -9.06
C LEU A 108 -12.91 -4.27 -8.87
N LEU A 109 -12.36 -5.22 -9.61
CA LEU A 109 -10.99 -5.67 -9.39
C LEU A 109 -9.97 -4.62 -9.80
N GLY A 110 -8.99 -4.36 -8.92
CA GLY A 110 -7.82 -3.58 -9.31
C GLY A 110 -6.65 -4.52 -9.57
N CYS A 111 -6.08 -4.48 -10.78
CA CYS A 111 -4.91 -5.29 -11.09
C CYS A 111 -3.65 -4.43 -11.00
N VAL A 112 -2.54 -5.04 -10.60
CA VAL A 112 -1.28 -4.31 -10.54
C VAL A 112 -0.63 -4.45 -11.90
N CYS A 113 -0.28 -3.34 -12.52
CA CYS A 113 0.44 -3.37 -13.79
CA CYS A 113 0.43 -3.36 -13.79
C CYS A 113 1.72 -2.55 -13.70
N GLY A 114 2.65 -2.81 -14.61
CA GLY A 114 3.93 -2.13 -14.59
C GLY A 114 4.60 -2.08 -15.95
N LEU A 115 5.70 -1.35 -16.01
CA LEU A 115 6.55 -1.29 -17.20
C LEU A 115 7.53 -2.42 -17.06
N HIS A 116 7.22 -3.53 -17.71
CA HIS A 116 8.02 -4.75 -17.56
C HIS A 116 9.01 -4.96 -18.71
N GLY A 117 9.03 -4.03 -19.66
CA GLY A 117 9.85 -4.21 -20.86
C GLY A 117 11.36 -4.07 -20.67
N THR A 118 12.06 -3.88 -21.79
CA THR A 118 13.50 -3.66 -21.78
C THR A 118 13.77 -2.21 -21.46
N GLU A 119 15.04 -1.87 -21.24
CA GLU A 119 15.41 -0.46 -20.99
C GLU A 119 15.01 0.45 -22.14
N ARG A 120 15.07 -0.07 -23.36
CA ARG A 120 14.70 0.70 -24.55
C ARG A 120 13.22 1.00 -24.54
N GLU A 121 12.40 -0.04 -24.33
CA GLU A 121 10.95 0.12 -24.24
C GLU A 121 10.56 1.13 -23.15
N ILE A 122 11.14 0.94 -21.96
CA ILE A 122 10.83 1.81 -20.83
C ILE A 122 11.22 3.26 -21.13
N ASN A 123 12.39 3.44 -21.74
CA ASN A 123 12.85 4.77 -22.14
C ASN A 123 11.88 5.48 -23.09
N ALA A 124 11.34 4.76 -24.05
CA ALA A 124 10.35 5.34 -24.95
C ALA A 124 9.09 5.76 -24.20
N ALA A 125 8.64 4.90 -23.29
CA ALA A 125 7.47 5.21 -22.47
C ALA A 125 7.72 6.50 -21.69
N VAL A 126 8.87 6.57 -21.03
CA VAL A 126 9.25 7.78 -20.29
C VAL A 126 9.35 8.98 -21.22
N SER A 127 9.88 8.75 -22.43
CA SER A 127 9.98 9.82 -23.43
C SER A 127 8.60 10.33 -23.83
N ARG A 128 7.66 9.41 -24.07
CA ARG A 128 6.28 9.82 -24.34
C ARG A 128 5.73 10.68 -23.20
N PHE A 129 5.98 10.25 -21.96
CA PHE A 129 5.48 11.02 -20.82
C PHE A 129 6.08 12.41 -20.82
N ASP A 130 7.41 12.49 -20.99
CA ASP A 130 8.13 13.77 -21.07
C ASP A 130 7.50 14.76 -22.04
N ALA A 131 6.88 14.25 -23.10
CA ALA A 131 6.26 15.08 -24.12
C ALA A 131 4.80 15.32 -23.85
N GLY A 132 4.32 14.89 -22.69
CA GLY A 132 2.92 15.07 -22.35
C GLY A 132 2.05 13.99 -22.94
N GLY A 133 2.68 12.90 -23.37
CA GLY A 133 1.95 11.78 -23.95
C GLY A 133 1.56 10.71 -22.94
N ASP A 134 1.01 9.61 -23.45
CA ASP A 134 0.49 8.57 -22.60
C ASP A 134 1.45 7.41 -22.45
N TRP A 135 2.20 7.41 -21.36
CA TRP A 135 3.15 6.35 -21.12
C TRP A 135 2.48 5.02 -20.74
N THR A 136 1.20 5.07 -20.36
CA THR A 136 0.54 3.88 -19.81
C THR A 136 0.26 2.76 -20.82
N THR A 137 0.38 3.07 -22.12
CA THR A 137 0.23 2.04 -23.16
C THR A 137 1.33 0.99 -23.06
N SER A 138 2.45 1.34 -22.43
CA SER A 138 3.53 0.37 -22.25
C SER A 138 3.38 -0.50 -20.99
N LEU A 139 2.25 -0.34 -20.29
CA LEU A 139 1.97 -1.17 -19.11
C LEU A 139 1.59 -2.60 -19.47
N SER A 140 2.03 -3.55 -18.66
CA SER A 140 1.50 -4.90 -18.74
C SER A 140 1.22 -5.41 -17.33
N PRO A 141 0.28 -6.37 -17.21
CA PRO A 141 -0.14 -6.89 -15.90
C PRO A 141 0.92 -7.67 -15.18
N ALA A 142 1.02 -7.47 -13.87
CA ALA A 142 1.91 -8.25 -13.06
C ALA A 142 1.17 -9.51 -12.65
N ASP A 143 1.80 -10.32 -11.80
CA ASP A 143 1.16 -11.49 -11.24
C ASP A 143 0.46 -11.18 -9.91
N LEU A 144 0.11 -9.91 -9.69
CA LEU A 144 -0.51 -9.46 -8.43
C LEU A 144 -1.75 -8.63 -8.71
N VAL A 145 -2.72 -8.68 -7.78
CA VAL A 145 -3.85 -7.77 -7.77
C VAL A 145 -3.92 -7.07 -6.41
N LEU A 146 -4.67 -5.98 -6.32
CA LEU A 146 -4.97 -5.36 -5.05
C LEU A 146 -6.07 -6.21 -4.42
N SER A 147 -5.88 -6.62 -3.18
CA SER A 147 -6.87 -7.48 -2.54
C SER A 147 -8.24 -6.83 -2.41
N PRO A 148 -9.28 -7.50 -2.92
CA PRO A 148 -10.67 -7.03 -2.83
C PRO A 148 -11.36 -7.40 -1.52
N ALA A 149 -10.81 -8.37 -0.77
CA ALA A 149 -11.32 -8.70 0.56
C ALA A 149 -10.19 -9.35 1.34
N ALA A 150 -10.24 -9.23 2.66
CA ALA A 150 -9.16 -9.71 3.49
C ALA A 150 -9.01 -11.23 3.55
N CYS A 151 -10.08 -11.98 3.32
CA CYS A 151 -10.01 -13.42 3.57
C CYS A 151 -9.42 -14.27 2.43
N TYR A 152 -9.53 -13.82 1.17
CA TYR A 152 -9.07 -14.62 0.03
C TYR A 152 -7.73 -15.37 0.22
N PRO A 153 -6.67 -14.69 0.70
CA PRO A 153 -5.41 -15.41 0.79
C PRO A 153 -5.36 -16.48 1.87
N VAL A 154 -6.31 -16.52 2.79
CA VAL A 154 -6.22 -17.47 3.88
C VAL A 154 -6.58 -18.90 3.46
N TYR A 155 -7.40 -19.03 2.42
CA TYR A 155 -7.86 -20.35 2.01
C TYR A 155 -6.74 -21.25 1.50
N PRO A 156 -5.88 -20.75 0.59
CA PRO A 156 -4.75 -21.61 0.23
C PRO A 156 -3.78 -21.85 1.38
N ILE A 157 -3.63 -20.86 2.27
CA ILE A 157 -2.74 -21.06 3.41
C ILE A 157 -3.25 -22.23 4.25
N ALA A 158 -4.55 -22.23 4.54
CA ALA A 158 -5.15 -23.28 5.34
C ALA A 158 -5.01 -24.66 4.66
N ALA A 159 -5.25 -24.68 3.36
CA ALA A 159 -5.24 -25.92 2.59
C ALA A 159 -3.89 -26.63 2.62
N SER A 160 -2.82 -25.86 2.68
CA SER A 160 -1.48 -26.42 2.64
C SER A 160 -1.15 -27.22 3.90
N ARG A 161 -1.99 -27.12 4.92
CA ARG A 161 -1.71 -27.80 6.19
C ARG A 161 -2.37 -29.17 6.30
N GLY A 162 -2.97 -29.63 5.21
CA GLY A 162 -3.64 -30.92 5.23
C GLY A 162 -5.02 -30.82 5.84
N PRO A 163 -5.57 -31.98 6.24
CA PRO A 163 -6.95 -32.06 6.76
C PRO A 163 -7.16 -31.28 8.05
N LEU A 164 -8.35 -30.72 8.21
CA LEU A 164 -8.69 -29.90 9.37
C LEU A 164 -8.80 -30.75 10.62
N PRO A 165 -8.38 -30.18 11.77
CA PRO A 165 -8.64 -30.86 13.03
C PRO A 165 -10.13 -30.86 13.33
N LYS A 166 -10.54 -31.60 14.37
CA LYS A 166 -11.93 -31.59 14.78
C LYS A 166 -12.25 -30.20 15.27
N GLY A 167 -13.40 -29.67 14.87
CA GLY A 167 -13.78 -28.32 15.29
C GLY A 167 -13.30 -27.23 14.33
N GLY A 168 -12.50 -27.62 13.34
CA GLY A 168 -12.09 -26.70 12.28
C GLY A 168 -10.98 -25.73 12.63
N LEU A 169 -10.76 -24.75 11.75
CA LEU A 169 -9.73 -23.73 11.97
C LEU A 169 -10.39 -22.36 11.99
N ARG A 170 -9.85 -21.45 12.81
CA ARG A 170 -10.34 -20.08 12.84
C ARG A 170 -9.19 -19.11 12.64
N PHE A 171 -9.42 -18.12 11.77
CA PHE A 171 -8.38 -17.14 11.49
C PHE A 171 -8.86 -15.73 11.78
N ASP A 172 -7.93 -14.87 12.17
CA ASP A 172 -8.18 -13.45 12.35
C ASP A 172 -7.32 -12.79 11.26
N VAL A 173 -7.94 -12.23 10.25
CA VAL A 173 -7.16 -11.62 9.18
C VAL A 173 -7.53 -10.14 8.99
N ALA A 174 -6.62 -9.37 8.40
CA ALA A 174 -6.88 -7.98 8.07
C ALA A 174 -6.08 -7.61 6.84
N ALA A 175 -6.61 -6.70 6.04
CA ALA A 175 -5.86 -6.17 4.91
C ALA A 175 -6.47 -4.82 4.52
N ASP A 176 -5.67 -3.97 3.90
CA ASP A 176 -6.21 -2.83 3.17
C ASP A 176 -6.69 -3.39 1.85
N CYS A 177 -7.97 -3.21 1.59
CA CYS A 177 -8.58 -3.74 0.40
C CYS A 177 -8.87 -2.67 -0.60
N PHE A 178 -9.13 -3.07 -1.83
CA PHE A 178 -9.39 -2.14 -2.93
C PHE A 178 -10.58 -2.62 -3.74
N ARG A 179 -11.47 -1.70 -4.03
CA ARG A 179 -12.56 -1.99 -4.95
C ARG A 179 -12.75 -0.78 -5.83
N ARG A 180 -12.82 -1.04 -7.13
CA ARG A 180 -12.81 0.04 -8.09
C ARG A 180 -14.21 0.63 -8.22
N GLU A 181 -14.62 1.42 -7.23
CA GLU A 181 -15.94 2.05 -7.26
C GLU A 181 -15.83 3.48 -6.72
N PRO A 182 -15.39 4.41 -7.58
CA PRO A 182 -15.18 5.80 -7.17
C PRO A 182 -16.49 6.44 -6.76
N SER A 183 -16.48 7.18 -5.66
CA SER A 183 -17.65 7.86 -5.16
C SER A 183 -17.17 9.01 -4.30
N LYS A 184 -18.01 10.03 -4.13
CA LYS A 184 -17.66 11.14 -3.24
C LYS A 184 -18.12 10.92 -1.80
N HIS A 185 -18.93 9.89 -1.57
CA HIS A 185 -19.49 9.66 -0.24
C HIS A 185 -18.46 9.07 0.70
N LEU A 186 -18.39 9.57 1.93
CA LEU A 186 -17.36 9.13 2.86
C LEU A 186 -17.48 7.67 3.29
N ASP A 187 -18.64 7.06 3.08
CA ASP A 187 -18.81 5.65 3.41
C ASP A 187 -18.64 4.73 2.19
N ARG A 188 -18.20 5.28 1.07
CA ARG A 188 -17.97 4.43 -0.11
C ARG A 188 -16.60 4.75 -0.68
N LEU A 189 -15.61 4.00 -0.20
CA LEU A 189 -14.21 4.25 -0.51
C LEU A 189 -13.72 3.26 -1.56
N GLN A 190 -12.63 3.60 -2.24
CA GLN A 190 -11.98 2.65 -3.14
C GLN A 190 -10.91 1.86 -2.39
N SER A 191 -10.26 2.49 -1.42
CA SER A 191 -9.24 1.81 -0.61
C SER A 191 -9.71 1.86 0.84
N PHE A 192 -9.91 0.70 1.47
CA PHE A 192 -10.46 0.72 2.84
C PHE A 192 -9.95 -0.47 3.60
N ARG A 193 -9.91 -0.35 4.93
CA ARG A 193 -9.46 -1.43 5.80
C ARG A 193 -10.55 -2.40 6.11
N MET A 194 -10.21 -3.68 5.97
CA MET A 194 -11.15 -4.73 6.32
CA MET A 194 -11.10 -4.78 6.28
C MET A 194 -10.50 -5.64 7.37
N ARG A 195 -11.30 -6.06 8.34
CA ARG A 195 -10.87 -6.99 9.36
C ARG A 195 -11.88 -8.15 9.33
N GLU A 196 -11.39 -9.38 9.34
CA GLU A 196 -12.29 -10.53 9.28
C GLU A 196 -11.91 -11.66 10.22
N TYR A 197 -12.94 -12.28 10.79
CA TYR A 197 -12.78 -13.58 11.43
C TYR A 197 -13.36 -14.63 10.48
N VAL A 198 -12.54 -15.61 10.15
CA VAL A 198 -12.89 -16.63 9.17
C VAL A 198 -12.94 -18.00 9.85
N CYS A 199 -13.96 -18.78 9.54
CA CYS A 199 -14.08 -20.13 10.09
C CYS A 199 -14.05 -21.16 8.96
N ILE A 200 -13.27 -22.21 9.14
CA ILE A 200 -13.18 -23.28 8.16
C ILE A 200 -13.40 -24.61 8.89
N GLY A 201 -14.41 -25.37 8.47
CA GLY A 201 -14.74 -26.62 9.14
C GLY A 201 -15.99 -27.28 8.57
N THR A 202 -16.67 -28.07 9.39
CA THR A 202 -17.91 -28.73 8.95
C THR A 202 -18.98 -27.67 8.82
N PRO A 203 -20.11 -28.02 8.19
CA PRO A 203 -21.22 -27.06 8.15
C PRO A 203 -21.65 -26.57 9.54
N ASP A 204 -21.66 -27.45 10.54
CA ASP A 204 -22.09 -27.07 11.89
C ASP A 204 -21.10 -26.11 12.54
N ASP A 205 -19.81 -26.39 12.40
CA ASP A 205 -18.76 -25.47 12.88
C ASP A 205 -19.00 -24.03 12.37
N VAL A 206 -19.18 -23.92 11.07
CA VAL A 206 -19.26 -22.60 10.43
C VAL A 206 -20.56 -21.90 10.81
N SER A 207 -21.64 -22.67 10.81
CA SER A 207 -22.94 -22.15 11.17
C SER A 207 -22.98 -21.70 12.63
N ASP A 208 -22.42 -22.50 13.54
CA ASP A 208 -22.39 -22.09 14.95
C ASP A 208 -21.56 -20.82 15.09
N PHE A 209 -20.46 -20.77 14.35
CA PHE A 209 -19.52 -19.66 14.37
C PHE A 209 -20.22 -18.37 13.96
N ARG A 210 -20.95 -18.43 12.84
CA ARG A 210 -21.66 -17.27 12.34
C ARG A 210 -22.75 -16.78 13.31
N GLU A 211 -23.45 -17.70 13.97
CA GLU A 211 -24.51 -17.30 14.91
C GLU A 211 -23.91 -16.59 16.12
N ARG A 212 -22.83 -17.14 16.66
CA ARG A 212 -22.12 -16.49 17.76
C ARG A 212 -21.77 -15.06 17.36
N TRP A 213 -21.20 -14.90 16.17
CA TRP A 213 -20.68 -13.61 15.76
C TRP A 213 -21.79 -12.62 15.40
N MET A 214 -22.93 -13.10 14.91
CA MET A 214 -24.05 -12.20 14.63
C MET A 214 -24.62 -11.58 15.90
N VAL A 215 -24.65 -12.36 16.99
CA VAL A 215 -25.09 -11.86 18.28
C VAL A 215 -24.03 -10.95 18.86
N ARG A 216 -22.79 -11.42 18.87
CA ARG A 216 -21.66 -10.69 19.42
C ARG A 216 -21.44 -9.34 18.75
N ALA A 217 -21.54 -9.29 17.43
CA ALA A 217 -21.37 -8.05 16.68
C ALA A 217 -22.42 -7.00 17.07
N GLN A 218 -23.64 -7.46 17.32
CA GLN A 218 -24.73 -6.57 17.70
C GLN A 218 -24.50 -6.00 19.08
N ALA A 219 -23.93 -6.80 19.97
CA ALA A 219 -23.58 -6.36 21.31
C ALA A 219 -22.49 -5.30 21.25
N ILE A 220 -21.51 -5.51 20.37
CA ILE A 220 -20.46 -4.52 20.18
C ILE A 220 -21.05 -3.21 19.66
N ALA A 221 -21.91 -3.31 18.66
CA ALA A 221 -22.50 -2.12 18.07
C ALA A 221 -23.31 -1.36 19.13
N ARG A 222 -24.01 -2.10 19.97
CA ARG A 222 -24.79 -1.49 21.05
C ARG A 222 -23.86 -0.82 22.06
N ASP A 223 -22.78 -1.49 22.44
CA ASP A 223 -21.81 -0.91 23.37
C ASP A 223 -21.17 0.37 22.79
N LEU A 224 -21.08 0.46 21.47
CA LEU A 224 -20.48 1.62 20.82
C LEU A 224 -21.51 2.76 20.66
N GLY A 225 -22.72 2.53 21.13
CA GLY A 225 -23.76 3.56 21.07
C GLY A 225 -24.33 3.71 19.67
N LEU A 226 -24.15 2.70 18.83
CA LEU A 226 -24.60 2.79 17.44
C LEU A 226 -26.04 2.33 17.26
N THR A 227 -26.71 2.89 16.27
CA THR A 227 -28.04 2.46 15.87
C THR A 227 -27.91 1.55 14.66
N PHE A 228 -28.60 0.41 14.67
CA PHE A 228 -28.43 -0.54 13.58
C PHE A 228 -29.58 -1.53 13.50
N ARG A 229 -29.66 -2.24 12.38
CA ARG A 229 -30.41 -3.49 12.34
C ARG A 229 -29.62 -4.52 11.52
N VAL A 230 -29.89 -5.78 11.77
CA VAL A 230 -29.27 -6.86 11.02
C VAL A 230 -30.29 -7.38 10.03
N ASP A 231 -29.91 -7.49 8.75
CA ASP A 231 -30.83 -7.98 7.74
C ASP A 231 -30.15 -8.84 6.70
N TYR A 232 -30.94 -9.64 5.99
CA TYR A 232 -30.46 -10.46 4.88
C TYR A 232 -29.91 -9.52 3.82
N ALA A 233 -28.90 -9.98 3.10
CA ALA A 233 -28.33 -9.14 2.07
C ALA A 233 -27.78 -9.99 0.95
N SER A 234 -27.27 -9.34 -0.09
CA SER A 234 -26.58 -10.03 -1.15
C SER A 234 -25.35 -9.24 -1.62
N ASP A 235 -24.34 -9.96 -2.11
CA ASP A 235 -23.18 -9.32 -2.73
C ASP A 235 -23.58 -8.75 -4.09
N PRO A 236 -22.89 -7.68 -4.54
CA PRO A 236 -23.31 -7.03 -5.79
C PRO A 236 -22.66 -7.70 -7.01
N PHE A 237 -23.16 -8.88 -7.37
CA PHE A 237 -22.63 -9.65 -8.48
C PHE A 237 -22.79 -8.88 -9.78
N PHE A 238 -21.83 -9.04 -10.67
CA PHE A 238 -21.82 -8.31 -11.94
C PHE A 238 -22.74 -8.94 -12.98
N GLY A 239 -23.44 -8.11 -13.75
CA GLY A 239 -24.18 -8.58 -14.91
C GLY A 239 -25.53 -9.22 -14.64
N ARG A 240 -26.16 -9.71 -15.71
CA ARG A 240 -27.47 -10.35 -15.65
C ARG A 240 -27.47 -11.55 -14.72
N VAL A 241 -26.68 -12.57 -15.07
CA VAL A 241 -26.58 -13.78 -14.27
C VAL A 241 -26.33 -13.43 -12.80
N GLY A 242 -25.51 -12.41 -12.58
CA GLY A 242 -25.21 -11.92 -11.26
C GLY A 242 -26.42 -11.51 -10.44
N GLN A 243 -27.38 -10.85 -11.09
CA GLN A 243 -28.61 -10.42 -10.43
C GLN A 243 -29.41 -11.59 -9.88
N MET A 244 -29.27 -12.74 -10.53
CA MET A 244 -29.96 -13.96 -10.13
C MET A 244 -29.14 -14.71 -9.08
N LYS A 245 -27.83 -14.54 -9.11
CA LYS A 245 -26.98 -15.04 -8.05
C LYS A 245 -27.37 -14.37 -6.74
N ALA A 246 -27.65 -13.07 -6.80
CA ALA A 246 -27.98 -12.29 -5.61
C ALA A 246 -29.31 -12.72 -4.99
N VAL A 247 -30.35 -12.78 -5.82
CA VAL A 247 -31.65 -13.31 -5.40
C VAL A 247 -31.47 -14.66 -4.69
N SER A 248 -30.76 -15.57 -5.33
CA SER A 248 -30.54 -16.89 -4.75
C SER A 248 -29.72 -16.83 -3.46
N GLN A 249 -28.83 -15.83 -3.37
CA GLN A 249 -28.02 -15.65 -2.18
C GLN A 249 -28.91 -15.18 -1.03
N LYS A 250 -29.77 -14.22 -1.33
CA LYS A 250 -30.67 -13.68 -0.32
C LYS A 250 -31.64 -14.78 0.10
N GLN A 251 -32.17 -15.51 -0.87
CA GLN A 251 -33.05 -16.65 -0.62
C GLN A 251 -32.44 -17.71 0.30
N GLN A 252 -31.17 -18.05 0.08
CA GLN A 252 -30.48 -19.03 0.94
C GLN A 252 -29.99 -18.39 2.24
N GLN A 253 -30.16 -17.07 2.36
CA GLN A 253 -29.68 -16.35 3.55
C GLN A 253 -28.19 -16.61 3.83
N LEU A 254 -27.37 -16.53 2.79
CA LEU A 254 -25.94 -16.79 2.93
C LEU A 254 -25.19 -15.56 3.44
N LYS A 255 -25.89 -14.44 3.52
CA LYS A 255 -25.25 -13.17 3.86
C LYS A 255 -26.14 -12.26 4.68
N PHE A 256 -25.69 -11.92 5.88
CA PHE A 256 -26.34 -10.89 6.67
C PHE A 256 -25.42 -9.70 6.75
N GLU A 257 -26.02 -8.53 6.95
CA GLU A 257 -25.28 -7.30 7.11
C GLU A 257 -25.78 -6.58 8.35
N LEU A 258 -24.87 -5.91 9.05
CA LEU A 258 -25.29 -4.98 10.09
C LEU A 258 -25.34 -3.61 9.47
N LEU A 259 -26.55 -3.04 9.42
CA LEU A 259 -26.80 -1.81 8.68
C LEU A 259 -26.96 -0.64 9.64
N ILE A 260 -26.22 0.43 9.40
CA ILE A 260 -26.28 1.61 10.25
C ILE A 260 -26.74 2.79 9.40
N PRO A 261 -27.77 3.52 9.85
CA PRO A 261 -28.20 4.69 9.08
C PRO A 261 -27.14 5.80 9.13
N LEU A 262 -26.48 6.06 8.02
CA LEU A 262 -25.48 7.11 7.97
C LEU A 262 -25.96 8.32 7.16
N ARG A 263 -26.40 8.10 5.93
CA ARG A 263 -26.94 9.19 5.13
C ARG A 263 -28.46 9.26 5.14
N SER A 264 -29.09 8.14 5.50
CA SER A 264 -30.54 8.08 5.67
C SER A 264 -30.93 6.76 6.32
N GLU A 265 -32.09 6.75 6.98
CA GLU A 265 -32.65 5.54 7.55
C GLU A 265 -33.18 4.61 6.46
N GLU A 266 -33.52 5.19 5.31
CA GLU A 266 -34.06 4.42 4.19
C GLU A 266 -32.95 3.70 3.41
N GLN A 267 -31.75 4.27 3.45
N GLN A 267 -31.74 4.26 3.43
CA GLN A 267 -30.60 3.64 2.81
CA GLN A 267 -30.61 3.60 2.80
C GLN A 267 -29.42 3.58 3.79
C GLN A 267 -29.42 3.57 3.76
N PRO A 268 -29.46 2.62 4.72
CA PRO A 268 -28.39 2.51 5.70
C PRO A 268 -27.12 1.91 5.09
N THR A 269 -26.03 2.00 5.84
CA THR A 269 -24.74 1.56 5.34
C THR A 269 -24.36 0.26 6.02
N ALA A 270 -23.97 -0.74 5.25
CA ALA A 270 -23.51 -1.99 5.81
C ALA A 270 -22.11 -1.81 6.39
N CYS A 271 -21.99 -2.01 7.70
CA CYS A 271 -20.70 -1.80 8.36
C CYS A 271 -20.06 -3.11 8.77
N MET A 272 -20.85 -4.17 8.79
CA MET A 272 -20.35 -5.53 9.02
C MET A 272 -21.11 -6.49 8.16
N SER A 273 -20.48 -7.59 7.78
CA SER A 273 -21.20 -8.65 7.10
C SER A 273 -20.88 -10.01 7.70
N PHE A 274 -21.82 -10.92 7.54
CA PHE A 274 -21.75 -12.27 8.08
C PHE A 274 -22.03 -13.22 6.93
N ASN A 275 -20.98 -13.85 6.43
CA ASN A 275 -21.02 -14.56 5.17
C ASN A 275 -20.85 -16.06 5.33
N TYR A 276 -21.72 -16.83 4.68
CA TYR A 276 -21.60 -18.28 4.67
C TYR A 276 -21.29 -18.68 3.23
N HIS A 277 -20.14 -19.31 3.00
CA HIS A 277 -19.73 -19.64 1.63
C HIS A 277 -20.05 -21.09 1.22
N ARG A 278 -20.67 -21.85 2.13
CA ARG A 278 -20.82 -23.29 1.95
C ARG A 278 -19.46 -23.91 1.66
N GLU A 279 -19.42 -24.84 0.70
CA GLU A 279 -18.19 -25.57 0.40
C GLU A 279 -17.41 -24.96 -0.77
N HIS A 280 -17.77 -23.76 -1.18
CA HIS A 280 -17.13 -23.11 -2.33
C HIS A 280 -15.62 -23.08 -2.23
N PHE A 281 -15.08 -22.53 -1.15
CA PHE A 281 -13.63 -22.44 -1.02
C PHE A 281 -13.01 -23.77 -0.63
N GLY A 282 -13.76 -24.58 0.11
CA GLY A 282 -13.25 -25.87 0.52
C GLY A 282 -12.99 -26.72 -0.71
N THR A 283 -13.95 -26.69 -1.63
CA THR A 283 -13.85 -27.45 -2.87
C THR A 283 -12.78 -26.84 -3.77
N THR A 284 -12.79 -25.52 -3.89
CA THR A 284 -11.85 -24.82 -4.75
C THR A 284 -10.43 -25.13 -4.35
N TRP A 285 -10.17 -25.19 -3.04
CA TRP A 285 -8.81 -25.37 -2.56
C TRP A 285 -8.53 -26.77 -1.99
N GLY A 286 -9.48 -27.68 -2.15
CA GLY A 286 -9.30 -29.04 -1.68
C GLY A 286 -9.06 -29.13 -0.18
N ILE A 287 -9.76 -28.30 0.58
CA ILE A 287 -9.66 -28.37 2.04
C ILE A 287 -10.68 -29.39 2.48
N GLN A 288 -10.27 -30.34 3.30
CA GLN A 288 -11.26 -31.30 3.79
C GLN A 288 -11.37 -31.29 5.31
N ASP A 289 -12.59 -31.37 5.81
CA ASP A 289 -12.81 -31.31 7.25
C ASP A 289 -12.39 -32.62 7.92
N ALA A 290 -12.66 -32.73 9.22
CA ALA A 290 -12.23 -33.88 10.01
C ALA A 290 -12.91 -35.18 9.59
N ASN A 291 -14.00 -35.06 8.84
CA ASN A 291 -14.78 -36.22 8.40
C ASN A 291 -14.58 -36.59 6.93
N GLY A 292 -13.53 -36.05 6.31
CA GLY A 292 -13.22 -36.34 4.92
C GLY A 292 -14.09 -35.63 3.89
N GLU A 293 -14.95 -34.73 4.35
CA GLU A 293 -15.81 -33.95 3.46
C GLU A 293 -15.14 -32.63 3.06
N PRO A 294 -15.52 -32.08 1.90
CA PRO A 294 -15.05 -30.75 1.50
C PRO A 294 -15.51 -29.71 2.52
N ALA A 295 -14.55 -28.99 3.10
CA ALA A 295 -14.84 -28.05 4.18
C ALA A 295 -15.82 -26.96 3.77
N HIS A 296 -16.61 -26.52 4.75
CA HIS A 296 -17.40 -25.31 4.57
C HIS A 296 -16.60 -24.15 5.14
N THR A 297 -16.86 -22.93 4.68
CA THR A 297 -16.18 -21.76 5.22
C THR A 297 -17.18 -20.63 5.43
N GLY A 298 -16.82 -19.71 6.31
CA GLY A 298 -17.67 -18.57 6.59
C GLY A 298 -16.81 -17.46 7.13
N CYS A 299 -17.29 -16.23 7.04
CA CYS A 299 -16.54 -15.14 7.64
C CYS A 299 -17.40 -14.01 8.18
N VAL A 300 -16.87 -13.35 9.19
CA VAL A 300 -17.48 -12.14 9.70
CA VAL A 300 -17.45 -12.15 9.74
C VAL A 300 -16.52 -11.01 9.38
N ALA A 301 -17.03 -10.03 8.65
CA ALA A 301 -16.22 -8.96 8.11
C ALA A 301 -16.61 -7.65 8.76
N PHE A 302 -15.61 -6.90 9.23
CA PHE A 302 -15.81 -5.57 9.79
C PHE A 302 -15.17 -4.56 8.84
N GLY A 303 -15.97 -3.63 8.35
CA GLY A 303 -15.46 -2.52 7.55
C GLY A 303 -14.97 -1.44 8.49
N MET A 304 -13.65 -1.34 8.65
CA MET A 304 -13.08 -0.50 9.71
C MET A 304 -13.31 0.99 9.47
N ASP A 305 -13.23 1.41 8.21
CA ASP A 305 -13.48 2.80 7.88
C ASP A 305 -14.96 3.16 8.00
N ARG A 306 -15.84 2.21 7.68
CA ARG A 306 -17.26 2.47 7.83
C ARG A 306 -17.67 2.54 9.29
N LEU A 307 -17.10 1.69 10.13
CA LEU A 307 -17.38 1.77 11.57
C LEU A 307 -16.85 3.06 12.17
N ALA A 308 -15.63 3.46 11.79
CA ALA A 308 -15.09 4.71 12.31
C ALA A 308 -15.91 5.90 11.87
N VAL A 309 -16.27 5.94 10.59
CA VAL A 309 -17.15 7.01 10.09
C VAL A 309 -18.51 7.00 10.83
N ALA A 310 -19.06 5.81 11.09
CA ALA A 310 -20.30 5.69 11.86
C ALA A 310 -20.16 6.25 13.27
N MET A 311 -19.01 6.00 13.90
CA MET A 311 -18.74 6.53 15.25
C MET A 311 -18.69 8.06 15.27
N PHE A 312 -18.00 8.63 14.30
CA PHE A 312 -17.91 10.09 14.22
C PHE A 312 -19.25 10.73 13.85
N HIS A 313 -20.00 10.08 12.96
CA HIS A 313 -21.33 10.57 12.59
C HIS A 313 -22.27 10.56 13.80
N THR A 314 -22.20 9.49 14.57
CA THR A 314 -23.04 9.34 15.76
C THR A 314 -22.61 10.21 16.92
N HIS A 315 -21.31 10.24 17.21
CA HIS A 315 -20.82 10.87 18.42
C HIS A 315 -20.13 12.20 18.25
N GLY A 316 -19.79 12.54 17.01
CA GLY A 316 -19.19 13.84 16.73
C GLY A 316 -17.69 13.72 16.82
N THR A 317 -16.99 14.79 16.44
CA THR A 317 -15.53 14.80 16.32
C THR A 317 -14.79 15.24 17.58
N ASP A 318 -15.53 15.50 18.66
CA ASP A 318 -14.96 15.92 19.94
C ASP A 318 -15.01 14.73 20.90
N LEU A 319 -13.87 14.07 21.07
CA LEU A 319 -13.84 12.80 21.81
C LEU A 319 -14.19 12.95 23.27
N SER A 320 -13.87 14.11 23.85
CA SER A 320 -14.11 14.30 25.28
C SER A 320 -15.63 14.30 25.60
N ALA A 321 -16.45 14.59 24.59
CA ALA A 321 -17.90 14.62 24.72
C ALA A 321 -18.58 13.30 24.43
N TRP A 322 -17.84 12.30 23.94
CA TRP A 322 -18.45 10.99 23.67
C TRP A 322 -19.04 10.42 24.95
N PRO A 323 -20.14 9.66 24.85
CA PRO A 323 -20.75 9.11 26.07
C PRO A 323 -19.74 8.31 26.89
N ALA A 324 -19.88 8.35 28.21
CA ALA A 324 -18.92 7.75 29.11
C ALA A 324 -18.77 6.25 28.92
N LYS A 325 -19.87 5.56 28.64
CA LYS A 325 -19.82 4.11 28.42
C LYS A 325 -19.07 3.76 27.13
N VAL A 326 -19.17 4.61 26.12
CA VAL A 326 -18.49 4.39 24.85
C VAL A 326 -16.99 4.66 25.01
N ARG A 327 -16.66 5.75 25.71
CA ARG A 327 -15.27 6.07 26.03
C ARG A 327 -14.64 4.95 26.83
N ASP A 328 -15.39 4.39 27.78
CA ASP A 328 -14.87 3.31 28.59
C ASP A 328 -14.65 2.05 27.76
N ILE A 329 -15.65 1.67 26.99
CA ILE A 329 -15.57 0.52 26.08
C ILE A 329 -14.36 0.59 25.14
N LEU A 330 -14.04 1.79 24.64
CA LEU A 330 -12.90 1.99 23.74
C LEU A 330 -11.60 2.23 24.47
N GLY A 331 -11.63 2.22 25.80
CA GLY A 331 -10.44 2.52 26.57
C GLY A 331 -9.93 3.94 26.40
N LEU A 332 -10.81 4.87 26.06
CA LEU A 332 -10.39 6.28 25.99
C LEU A 332 -10.17 6.87 27.38
N ALA B 37 21.32 -20.27 0.01
CA ALA B 37 21.17 -20.37 1.45
C ALA B 37 21.36 -19.03 2.17
N ASP B 38 20.45 -18.09 1.88
CA ASP B 38 20.51 -16.76 2.49
C ASP B 38 20.39 -16.85 4.02
N PRO B 39 21.21 -16.07 4.73
CA PRO B 39 21.22 -16.13 6.20
C PRO B 39 19.90 -15.71 6.85
N LEU B 40 19.02 -15.06 6.09
CA LEU B 40 17.74 -14.61 6.63
C LEU B 40 16.64 -15.65 6.50
N ASP B 41 16.85 -16.64 5.61
CA ASP B 41 15.79 -17.56 5.21
C ASP B 41 15.16 -18.34 6.34
N HIS B 42 15.97 -18.67 7.35
CA HIS B 42 15.47 -19.44 8.47
C HIS B 42 14.40 -18.67 9.27
N LEU B 43 14.32 -17.36 9.08
CA LEU B 43 13.36 -16.55 9.81
C LEU B 43 11.93 -16.73 9.30
N ALA B 44 11.80 -17.19 8.06
CA ALA B 44 10.49 -17.30 7.42
C ALA B 44 9.48 -18.12 8.22
N ASP B 45 9.92 -19.24 8.77
CA ASP B 45 9.03 -20.19 9.46
C ASP B 45 8.24 -19.54 10.58
N LYS B 46 8.89 -18.64 11.32
CA LYS B 46 8.25 -17.99 12.45
C LYS B 46 7.57 -16.68 12.05
N LEU B 47 7.99 -16.08 10.95
CA LEU B 47 7.59 -14.69 10.66
C LEU B 47 6.54 -14.54 9.58
N PHE B 48 6.58 -15.42 8.58
CA PHE B 48 5.82 -15.23 7.35
C PHE B 48 5.11 -16.50 6.90
N HIS B 49 4.10 -16.35 6.03
CA HIS B 49 3.55 -17.45 5.26
C HIS B 49 3.55 -17.03 3.80
N SER B 50 3.79 -18.00 2.91
CA SER B 50 3.79 -17.72 1.50
C SER B 50 2.42 -17.31 0.99
N MET B 51 2.41 -16.34 0.08
CA MET B 51 1.18 -15.89 -0.54
C MET B 51 1.23 -16.14 -2.04
N GLY B 52 2.11 -17.05 -2.43
CA GLY B 52 2.25 -17.41 -3.83
C GLY B 52 2.98 -16.39 -4.66
N SER B 53 3.77 -15.53 -4.05
CA SER B 53 4.49 -14.50 -4.80
C SER B 53 5.72 -14.00 -4.04
N ASP B 54 6.88 -14.01 -4.69
CA ASP B 54 8.12 -13.55 -4.06
C ASP B 54 7.95 -12.11 -3.59
N GLY B 55 8.31 -11.84 -2.34
CA GLY B 55 8.29 -10.47 -1.84
C GLY B 55 6.93 -10.08 -1.30
N VAL B 56 5.98 -11.00 -1.32
CA VAL B 56 4.64 -10.75 -0.78
C VAL B 56 4.24 -11.85 0.20
N TYR B 57 4.26 -11.54 1.49
CA TYR B 57 4.04 -12.56 2.53
C TYR B 57 2.97 -12.18 3.53
N ALA B 58 2.26 -13.19 4.03
CA ALA B 58 1.38 -12.97 5.16
C ALA B 58 2.26 -12.87 6.38
N ARG B 59 1.88 -12.02 7.32
CA ARG B 59 2.67 -11.79 8.52
C ARG B 59 2.05 -12.49 9.71
N THR B 60 2.87 -13.20 10.49
CA THR B 60 2.38 -13.91 11.67
C THR B 60 2.16 -12.93 12.82
N ALA B 61 1.47 -13.39 13.85
CA ALA B 61 1.24 -12.58 15.04
C ALA B 61 2.56 -12.17 15.68
N LEU B 62 3.51 -13.09 15.74
CA LEU B 62 4.83 -12.78 16.27
C LEU B 62 5.47 -11.60 15.55
N TYR B 63 5.50 -11.67 14.22
CA TYR B 63 6.11 -10.62 13.41
C TYR B 63 5.43 -9.26 13.60
N GLU B 64 4.10 -9.27 13.52
CA GLU B 64 3.32 -8.03 13.60
CA GLU B 64 3.35 -8.02 13.59
C GLU B 64 3.41 -7.38 14.98
N SER B 65 3.58 -8.19 16.02
CA SER B 65 3.68 -7.58 17.35
C SER B 65 4.94 -6.70 17.44
N ILE B 66 6.02 -7.09 16.75
CA ILE B 66 7.27 -6.33 16.77
C ILE B 66 7.21 -5.09 15.85
N VAL B 67 6.64 -5.24 14.66
CA VAL B 67 6.39 -4.09 13.78
C VAL B 67 5.58 -3.02 14.54
N GLU B 68 4.55 -3.45 15.26
CA GLU B 68 3.70 -2.50 15.98
C GLU B 68 4.44 -1.84 17.14
N ARG B 69 5.28 -2.61 17.84
CA ARG B 69 6.08 -2.05 18.93
C ARG B 69 7.17 -1.10 18.40
N LEU B 70 7.76 -1.45 17.25
CA LEU B 70 8.67 -0.55 16.55
C LEU B 70 7.94 0.74 16.14
N ALA B 71 6.72 0.60 15.63
CA ALA B 71 5.93 1.77 15.24
C ALA B 71 5.65 2.68 16.45
N ALA B 72 5.26 2.07 17.56
CA ALA B 72 5.01 2.83 18.78
C ALA B 72 6.29 3.51 19.33
N LEU B 73 7.42 2.84 19.26
CA LEU B 73 8.69 3.47 19.67
C LEU B 73 9.00 4.69 18.81
N ILE B 74 8.88 4.56 17.50
CA ILE B 74 9.09 5.71 16.62
C ILE B 74 8.15 6.87 16.96
N THR B 75 6.90 6.53 17.23
CA THR B 75 5.91 7.54 17.60
C THR B 75 6.31 8.28 18.87
N SER B 76 6.93 7.56 19.81
CA SER B 76 7.32 8.17 21.08
C SER B 76 8.41 9.20 20.88
N HIS B 77 9.08 9.17 19.72
CA HIS B 77 10.09 10.18 19.45
C HIS B 77 9.57 11.30 18.56
N ARG B 78 8.29 11.28 18.24
CA ARG B 78 7.73 12.33 17.39
C ARG B 78 7.87 13.69 18.08
N GLU B 79 8.26 14.72 17.33
CA GLU B 79 8.39 16.05 17.91
C GLU B 79 7.05 16.71 18.03
N ALA B 80 6.88 17.54 19.06
CA ALA B 80 5.66 18.32 19.22
C ALA B 80 5.46 19.21 17.98
N GLY B 81 4.21 19.47 17.61
CA GLY B 81 3.93 20.25 16.41
C GLY B 81 4.01 19.48 15.09
N THR B 82 4.27 18.18 15.16
CA THR B 82 4.35 17.38 13.93
C THR B 82 2.99 16.79 13.61
N GLU B 83 2.50 17.04 12.41
CA GLU B 83 1.16 16.63 12.02
C GLU B 83 1.18 15.20 11.44
N ALA B 84 0.42 14.30 12.07
CA ALA B 84 0.37 12.90 11.67
C ALA B 84 -0.73 12.60 10.66
N LEU B 85 -0.33 12.06 9.51
CA LEU B 85 -1.28 11.60 8.49
C LEU B 85 -0.98 10.17 8.10
N ARG B 86 -2.03 9.41 7.79
CA ARG B 86 -1.87 8.04 7.38
C ARG B 86 -2.47 7.90 6.01
N PHE B 87 -1.67 7.37 5.08
CA PHE B 87 -2.07 7.27 3.70
C PHE B 87 -2.41 5.82 3.37
N PRO B 88 -3.37 5.62 2.46
CA PRO B 88 -3.72 4.28 1.96
C PRO B 88 -2.62 3.79 1.01
N PRO B 89 -2.71 2.53 0.55
CA PRO B 89 -1.63 1.99 -0.29
C PRO B 89 -1.64 2.47 -1.74
N VAL B 90 -2.65 3.26 -2.10
CA VAL B 90 -2.73 3.85 -3.43
C VAL B 90 -2.74 5.38 -3.35
N MET B 91 -2.34 6.02 -4.44
CA MET B 91 -2.39 7.47 -4.52
C MET B 91 -2.66 7.90 -5.95
N SER B 92 -2.91 9.18 -6.14
CA SER B 92 -3.21 9.71 -7.46
C SER B 92 -2.05 9.49 -8.42
N ARG B 93 -2.35 8.90 -9.58
CA ARG B 93 -1.34 8.74 -10.61
C ARG B 93 -0.82 10.09 -11.09
N ALA B 94 -1.73 11.04 -11.27
CA ALA B 94 -1.32 12.37 -11.74
C ALA B 94 -0.37 13.03 -10.74
N GLN B 95 -0.67 12.91 -9.45
CA GLN B 95 0.24 13.44 -8.42
C GLN B 95 1.60 12.78 -8.47
N LEU B 96 1.64 11.47 -8.68
CA LEU B 96 2.91 10.77 -8.71
C LEU B 96 3.69 11.14 -9.98
N GLU B 97 2.98 11.25 -11.10
CA GLU B 97 3.62 11.68 -12.35
C GLU B 97 4.23 13.05 -12.20
N LYS B 98 3.47 13.98 -11.61
CA LYS B 98 3.93 15.35 -11.44
C LYS B 98 5.18 15.45 -10.55
N SER B 99 5.31 14.51 -9.62
CA SER B 99 6.44 14.51 -8.71
C SER B 99 7.73 13.95 -9.31
N GLY B 100 7.64 13.43 -10.53
CA GLY B 100 8.84 13.03 -11.25
C GLY B 100 9.28 11.59 -11.06
N TYR B 101 8.42 10.77 -10.47
CA TYR B 101 8.80 9.39 -10.18
C TYR B 101 9.16 8.58 -11.43
N LEU B 102 8.44 8.81 -12.53
CA LEU B 102 8.68 8.06 -13.77
C LEU B 102 10.07 8.31 -14.34
N LYS B 103 10.54 9.54 -14.25
CA LYS B 103 11.86 9.88 -14.74
C LYS B 103 12.98 9.30 -13.88
N SER B 104 12.62 8.71 -12.73
CA SER B 104 13.64 8.19 -11.82
C SER B 104 13.61 6.68 -11.68
N PHE B 105 12.42 6.14 -11.37
CA PHE B 105 12.30 4.70 -11.16
C PHE B 105 11.11 4.11 -11.93
N PRO B 106 11.08 4.29 -13.27
CA PRO B 106 9.93 3.83 -14.06
C PRO B 106 9.68 2.36 -13.87
N ASN B 107 10.74 1.61 -13.64
CA ASN B 107 10.69 0.17 -13.53
C ASN B 107 10.11 -0.36 -12.21
N LEU B 108 10.03 0.51 -11.20
CA LEU B 108 9.57 0.07 -9.87
C LEU B 108 8.10 0.35 -9.63
N LEU B 109 7.53 1.21 -10.46
CA LEU B 109 6.18 1.68 -10.27
C LEU B 109 5.12 0.61 -10.53
N GLY B 110 4.19 0.48 -9.60
CA GLY B 110 3.02 -0.37 -9.81
C GLY B 110 1.81 0.51 -10.04
N CYS B 111 1.16 0.32 -11.18
N CYS B 111 1.16 0.33 -11.18
CA CYS B 111 -0.02 1.07 -11.57
CA CYS B 111 -0.03 1.11 -11.49
C CYS B 111 -1.27 0.25 -11.26
C CYS B 111 -1.28 0.26 -11.32
N VAL B 112 -2.39 0.92 -11.00
CA VAL B 112 -3.64 0.22 -10.85
C VAL B 112 -4.33 0.20 -12.22
N CYS B 113 -4.71 -0.98 -12.68
CA CYS B 113 -5.52 -1.09 -13.89
CA CYS B 113 -5.54 -1.06 -13.88
C CYS B 113 -6.82 -1.82 -13.58
N GLY B 114 -7.84 -1.60 -14.39
CA GLY B 114 -9.12 -2.25 -14.17
C GLY B 114 -9.81 -2.56 -15.48
N LEU B 115 -10.92 -3.25 -15.39
CA LEU B 115 -11.79 -3.52 -16.53
C LEU B 115 -12.78 -2.37 -16.61
N HIS B 116 -12.53 -1.43 -17.50
CA HIS B 116 -13.31 -0.20 -17.55
C HIS B 116 -14.26 -0.18 -18.73
N GLY B 117 -14.34 -1.28 -19.48
CA GLY B 117 -15.16 -1.30 -20.69
C GLY B 117 -16.62 -1.54 -20.42
N THR B 118 -17.38 -1.85 -21.48
CA THR B 118 -18.81 -2.10 -21.35
C THR B 118 -19.05 -3.46 -20.72
N GLU B 119 -20.29 -3.71 -20.31
CA GLU B 119 -20.64 -4.98 -19.70
C GLU B 119 -20.39 -6.15 -20.67
N ARG B 120 -20.63 -5.92 -21.96
CA ARG B 120 -20.38 -6.93 -22.97
C ARG B 120 -18.87 -7.23 -23.06
N GLU B 121 -18.07 -6.19 -23.10
CA GLU B 121 -16.62 -6.35 -23.16
C GLU B 121 -16.05 -7.06 -21.94
N ILE B 122 -16.61 -6.77 -20.76
CA ILE B 122 -16.14 -7.38 -19.53
C ILE B 122 -16.54 -8.84 -19.45
N ASN B 123 -17.78 -9.16 -19.82
CA ASN B 123 -18.21 -10.55 -19.92
C ASN B 123 -17.34 -11.36 -20.91
N ALA B 124 -17.01 -10.77 -22.06
CA ALA B 124 -16.12 -11.43 -23.01
C ALA B 124 -14.75 -11.70 -22.39
N ALA B 125 -14.19 -10.73 -21.66
CA ALA B 125 -12.89 -10.93 -21.02
C ALA B 125 -12.92 -12.12 -20.07
N VAL B 126 -13.96 -12.20 -19.24
CA VAL B 126 -14.12 -13.32 -18.31
C VAL B 126 -14.33 -14.66 -19.05
N SER B 127 -15.10 -14.65 -20.13
CA SER B 127 -15.28 -15.86 -20.96
C SER B 127 -13.98 -16.32 -21.61
N ARG B 128 -13.09 -15.40 -21.97
CA ARG B 128 -11.79 -15.80 -22.50
C ARG B 128 -10.96 -16.48 -21.41
N PHE B 129 -11.06 -15.95 -20.20
CA PHE B 129 -10.41 -16.57 -19.05
C PHE B 129 -10.94 -17.98 -18.83
N ASP B 130 -12.26 -18.14 -18.82
CA ASP B 130 -12.90 -19.45 -18.70
C ASP B 130 -12.40 -20.42 -19.75
N ALA B 131 -12.02 -19.91 -20.93
CA ALA B 131 -11.64 -20.79 -22.04
C ALA B 131 -10.13 -20.83 -22.23
N GLY B 132 -9.40 -20.59 -21.14
CA GLY B 132 -7.97 -20.76 -21.10
C GLY B 132 -7.15 -19.59 -21.62
N GLY B 133 -7.81 -18.48 -21.95
CA GLY B 133 -7.11 -17.33 -22.50
C GLY B 133 -6.81 -16.29 -21.44
N ASP B 134 -6.45 -15.08 -21.87
CA ASP B 134 -5.96 -14.06 -20.96
C ASP B 134 -6.96 -12.91 -20.86
N TRP B 135 -7.69 -12.84 -19.75
CA TRP B 135 -8.65 -11.75 -19.54
C TRP B 135 -7.98 -10.38 -19.41
N THR B 136 -6.69 -10.33 -19.10
CA THR B 136 -6.04 -9.05 -18.78
C THR B 136 -5.85 -8.12 -19.98
N THR B 137 -6.09 -8.62 -21.18
CA THR B 137 -5.99 -7.78 -22.37
C THR B 137 -7.11 -6.75 -22.36
N SER B 138 -8.14 -6.94 -21.52
CA SER B 138 -9.21 -5.94 -21.45
C SER B 138 -8.97 -4.84 -20.39
N LEU B 139 -7.81 -4.88 -19.76
CA LEU B 139 -7.45 -3.94 -18.69
C LEU B 139 -7.05 -2.61 -19.30
N SER B 140 -7.35 -1.52 -18.59
CA SER B 140 -6.85 -0.20 -18.93
C SER B 140 -6.50 0.53 -17.62
N PRO B 141 -5.60 1.51 -17.68
CA PRO B 141 -5.13 2.09 -16.41
C PRO B 141 -6.20 2.90 -15.71
N ALA B 142 -6.22 2.81 -14.38
CA ALA B 142 -7.05 3.70 -13.57
C ALA B 142 -6.28 4.99 -13.33
N ASP B 143 -6.84 5.89 -12.51
CA ASP B 143 -6.19 7.14 -12.15
C ASP B 143 -5.38 7.01 -10.87
N LEU B 144 -5.03 5.78 -10.50
CA LEU B 144 -4.34 5.50 -9.26
C LEU B 144 -3.07 4.69 -9.50
N VAL B 145 -2.06 4.90 -8.66
CA VAL B 145 -0.92 3.97 -8.61
C VAL B 145 -0.76 3.46 -7.18
N LEU B 146 0.00 2.39 -7.02
CA LEU B 146 0.43 1.96 -5.69
C LEU B 146 1.56 2.88 -5.26
N SER B 147 1.46 3.40 -4.04
CA SER B 147 2.44 4.37 -3.57
C SER B 147 3.82 3.76 -3.43
N PRO B 148 4.83 4.37 -4.07
CA PRO B 148 6.19 3.82 -3.98
C PRO B 148 6.92 4.34 -2.73
N ALA B 149 6.40 5.41 -2.14
CA ALA B 149 7.00 5.97 -0.93
C ALA B 149 5.94 6.75 -0.14
N ALA B 150 6.06 6.73 1.18
CA ALA B 150 5.03 7.28 2.03
C ALA B 150 4.83 8.77 1.86
N CYS B 151 5.92 9.49 1.59
CA CYS B 151 5.84 10.95 1.61
C CYS B 151 5.21 11.63 0.39
N TYR B 152 5.18 10.99 -0.78
CA TYR B 152 4.69 11.68 -1.98
C TYR B 152 3.36 12.46 -1.85
N PRO B 153 2.32 11.84 -1.25
CA PRO B 153 1.06 12.59 -1.18
C PRO B 153 1.09 13.80 -0.26
N VAL B 154 2.10 13.93 0.59
CA VAL B 154 2.04 15.01 1.57
C VAL B 154 2.35 16.40 0.98
N TYR B 155 3.15 16.45 -0.09
CA TYR B 155 3.53 17.72 -0.72
C TYR B 155 2.35 18.51 -1.33
N PRO B 156 1.49 17.86 -2.12
CA PRO B 156 0.30 18.61 -2.56
C PRO B 156 -0.63 18.98 -1.42
N ILE B 157 -0.68 18.16 -0.38
CA ILE B 157 -1.48 18.54 0.77
C ILE B 157 -0.88 19.81 1.40
N ALA B 158 0.43 19.82 1.63
CA ALA B 158 1.07 21.01 2.20
C ALA B 158 0.86 22.24 1.30
N ALA B 159 1.06 22.06 0.00
CA ALA B 159 0.95 23.16 -0.96
C ALA B 159 -0.41 23.88 -0.91
N SER B 160 -1.46 23.13 -0.63
CA SER B 160 -2.83 23.65 -0.67
C SER B 160 -3.12 24.60 0.48
N ARG B 161 -2.19 24.67 1.43
CA ARG B 161 -2.40 25.52 2.60
C ARG B 161 -1.83 26.93 2.43
N GLY B 162 -1.13 27.17 1.32
CA GLY B 162 -0.56 28.48 1.10
C GLY B 162 0.84 28.56 1.67
N PRO B 163 1.38 29.78 1.80
CA PRO B 163 2.78 30.01 2.22
C PRO B 163 3.10 29.32 3.54
N LEU B 164 4.29 28.73 3.67
CA LEU B 164 4.69 28.08 4.92
C LEU B 164 4.81 29.10 6.04
N PRO B 165 4.49 28.70 7.28
CA PRO B 165 4.83 29.59 8.39
C PRO B 165 6.34 29.56 8.62
N LYS B 166 6.86 30.52 9.37
CA LYS B 166 8.29 30.53 9.69
C LYS B 166 8.60 29.27 10.49
N GLY B 167 9.70 28.61 10.16
CA GLY B 167 10.01 27.35 10.78
C GLY B 167 9.53 26.16 9.95
N GLY B 168 8.61 26.41 9.02
CA GLY B 168 8.15 25.40 8.08
C GLY B 168 7.10 24.48 8.68
N LEU B 169 6.87 23.35 8.01
CA LEU B 169 5.91 22.37 8.49
C LEU B 169 6.60 21.03 8.70
N ARG B 170 6.12 20.26 9.66
CA ARG B 170 6.61 18.90 9.92
C ARG B 170 5.43 17.93 9.83
N PHE B 171 5.65 16.80 9.17
CA PHE B 171 4.63 15.74 9.10
C PHE B 171 5.19 14.40 9.53
N ASP B 172 4.29 13.58 10.06
CA ASP B 172 4.53 12.19 10.36
C ASP B 172 3.60 11.43 9.41
N VAL B 173 4.16 10.71 8.46
CA VAL B 173 3.33 10.02 7.49
C VAL B 173 3.67 8.54 7.49
N ALA B 174 2.73 7.72 7.04
CA ALA B 174 2.97 6.28 6.93
C ALA B 174 2.10 5.70 5.82
N ALA B 175 2.58 4.64 5.18
CA ALA B 175 1.83 4.02 4.10
C ALA B 175 2.41 2.64 3.84
N ASP B 176 1.56 1.73 3.37
CA ASP B 176 2.05 0.51 2.77
C ASP B 176 2.53 0.88 1.37
N CYS B 177 3.80 0.65 1.09
CA CYS B 177 4.38 1.05 -0.17
C CYS B 177 4.59 -0.15 -1.08
N PHE B 178 4.73 0.12 -2.38
CA PHE B 178 4.92 -0.94 -3.34
C PHE B 178 6.03 -0.60 -4.31
N ARG B 179 6.93 -1.56 -4.52
CA ARG B 179 8.01 -1.43 -5.50
C ARG B 179 8.14 -2.74 -6.25
N ARG B 180 8.09 -2.66 -7.58
CA ARG B 180 8.06 -3.87 -8.40
C ARG B 180 9.46 -4.44 -8.53
N GLU B 181 9.92 -5.10 -7.48
CA GLU B 181 11.23 -5.75 -7.48
C GLU B 181 11.15 -7.11 -6.77
N PRO B 182 10.57 -8.11 -7.45
CA PRO B 182 10.45 -9.43 -6.83
C PRO B 182 11.81 -10.00 -6.42
N SER B 183 11.85 -10.66 -5.27
CA SER B 183 13.07 -11.22 -4.75
C SER B 183 12.65 -12.21 -3.69
N LYS B 184 13.48 -13.20 -3.44
CA LYS B 184 13.19 -14.19 -2.40
C LYS B 184 13.83 -13.79 -1.06
N HIS B 185 14.65 -12.76 -1.05
CA HIS B 185 15.26 -12.29 0.19
C HIS B 185 14.23 -11.57 1.07
N LEU B 186 14.20 -11.94 2.34
CA LEU B 186 13.21 -11.41 3.28
C LEU B 186 13.42 -9.93 3.61
N ASP B 187 14.54 -9.36 3.20
CA ASP B 187 14.76 -7.91 3.36
C ASP B 187 14.53 -7.15 2.05
N ARG B 188 14.03 -7.83 1.02
CA ARG B 188 13.62 -7.11 -0.18
C ARG B 188 12.23 -7.52 -0.59
N LEU B 189 11.25 -6.73 -0.18
CA LEU B 189 9.85 -7.02 -0.42
C LEU B 189 9.29 -6.21 -1.57
N GLN B 190 8.17 -6.64 -2.13
CA GLN B 190 7.48 -5.82 -3.10
C GLN B 190 6.47 -4.89 -2.39
N SER B 191 5.92 -5.36 -1.27
CA SER B 191 4.94 -4.58 -0.51
C SER B 191 5.47 -4.46 0.90
N PHE B 192 5.67 -3.23 1.35
CA PHE B 192 6.30 -3.04 2.65
C PHE B 192 5.85 -1.72 3.30
N ARG B 193 5.98 -1.64 4.61
CA ARG B 193 5.55 -0.48 5.37
C ARG B 193 6.65 0.55 5.52
N MET B 194 6.30 1.80 5.26
CA MET B 194 7.25 2.88 5.41
CA MET B 194 7.21 2.92 5.39
C MET B 194 6.65 3.92 6.37
N ARG B 195 7.49 4.44 7.26
CA ARG B 195 7.12 5.48 8.22
C ARG B 195 8.11 6.60 7.99
N GLU B 196 7.62 7.81 7.80
CA GLU B 196 8.52 8.94 7.57
C GLU B 196 8.19 10.16 8.42
N TYR B 197 9.21 10.90 8.82
CA TYR B 197 9.01 12.26 9.31
C TYR B 197 9.50 13.18 8.21
N VAL B 198 8.67 14.16 7.87
CA VAL B 198 8.93 15.00 6.69
C VAL B 198 9.03 16.45 7.12
N CYS B 199 10.01 17.17 6.59
CA CYS B 199 10.16 18.59 6.89
C CYS B 199 10.01 19.40 5.62
N ILE B 200 9.20 20.46 5.68
CA ILE B 200 9.05 21.34 4.54
C ILE B 200 9.32 22.78 4.99
N GLY B 201 10.34 23.42 4.43
CA GLY B 201 10.68 24.78 4.86
C GLY B 201 11.85 25.39 4.10
N THR B 202 12.63 26.24 4.77
CA THR B 202 13.84 26.82 4.18
C THR B 202 14.93 25.75 4.14
N PRO B 203 16.02 26.01 3.37
CA PRO B 203 17.11 25.02 3.41
C PRO B 203 17.64 24.79 4.82
N ASP B 204 17.65 25.82 5.64
CA ASP B 204 18.14 25.71 7.01
C ASP B 204 17.18 24.91 7.90
N ASP B 205 15.87 25.12 7.74
CA ASP B 205 14.90 24.29 8.49
C ASP B 205 15.18 22.82 8.21
N VAL B 206 15.31 22.48 6.94
CA VAL B 206 15.50 21.09 6.53
C VAL B 206 16.83 20.49 6.97
N SER B 207 17.93 21.23 6.85
CA SER B 207 19.22 20.60 7.23
C SER B 207 19.30 20.42 8.73
N ASP B 208 18.71 21.35 9.48
CA ASP B 208 18.65 21.19 10.95
C ASP B 208 17.84 19.95 11.32
N PHE B 209 16.69 19.79 10.67
CA PHE B 209 15.82 18.62 10.86
C PHE B 209 16.56 17.32 10.53
N ARG B 210 17.20 17.27 9.36
CA ARG B 210 17.92 16.06 9.00
C ARG B 210 19.06 15.73 9.96
N GLU B 211 19.77 16.77 10.39
CA GLU B 211 20.87 16.60 11.33
C GLU B 211 20.34 15.99 12.62
N ARG B 212 19.28 16.56 13.16
CA ARG B 212 18.75 16.00 14.43
C ARG B 212 18.20 14.59 14.27
N TRP B 213 17.55 14.29 13.14
CA TRP B 213 17.02 12.94 12.96
C TRP B 213 18.09 11.89 12.71
N MET B 214 19.20 12.29 12.11
CA MET B 214 20.30 11.35 11.95
C MET B 214 20.87 10.93 13.30
N VAL B 215 20.95 11.88 14.23
CA VAL B 215 21.41 11.56 15.58
C VAL B 215 20.38 10.69 16.31
N ARG B 216 19.11 11.09 16.27
CA ARG B 216 18.09 10.35 16.99
C ARG B 216 17.87 8.93 16.47
N ALA B 217 17.89 8.77 15.16
CA ALA B 217 17.65 7.47 14.55
C ALA B 217 18.74 6.49 14.99
N GLN B 218 19.97 6.99 15.03
CA GLN B 218 21.10 6.19 15.54
C GLN B 218 20.93 5.81 17.00
N ALA B 219 20.48 6.75 17.82
CA ALA B 219 20.16 6.42 19.22
C ALA B 219 19.10 5.33 19.30
N ILE B 220 18.08 5.41 18.45
CA ILE B 220 17.03 4.40 18.45
C ILE B 220 17.62 3.04 18.07
N ALA B 221 18.41 3.02 17.01
CA ALA B 221 19.02 1.78 16.56
C ALA B 221 19.87 1.19 17.69
N ARG B 222 20.62 2.06 18.38
CA ARG B 222 21.45 1.65 19.50
C ARG B 222 20.60 1.08 20.63
N ASP B 223 19.54 1.80 21.00
CA ASP B 223 18.60 1.31 22.02
C ASP B 223 18.01 -0.04 21.64
N LEU B 224 17.83 -0.27 20.33
CA LEU B 224 17.30 -1.54 19.83
C LEU B 224 18.37 -2.64 19.77
N GLY B 225 19.60 -2.29 20.14
CA GLY B 225 20.70 -3.25 20.15
C GLY B 225 21.11 -3.70 18.76
N LEU B 226 20.95 -2.83 17.79
CA LEU B 226 21.28 -3.18 16.40
C LEU B 226 22.68 -2.69 16.06
N THR B 227 23.36 -3.47 15.22
CA THR B 227 24.68 -3.10 14.72
C THR B 227 24.49 -2.41 13.39
N PHE B 228 25.07 -1.22 13.25
CA PHE B 228 24.79 -0.41 12.09
C PHE B 228 25.90 0.57 11.83
N ARG B 229 25.94 1.07 10.61
CA ARG B 229 26.72 2.25 10.30
C ARG B 229 25.85 3.18 9.49
N VAL B 230 26.20 4.46 9.47
CA VAL B 230 25.52 5.43 8.64
C VAL B 230 26.50 5.94 7.59
N ASP B 231 26.10 5.93 6.33
CA ASP B 231 26.96 6.47 5.27
CA ASP B 231 26.95 6.44 5.26
C ASP B 231 26.14 7.08 4.14
N TYR B 232 26.80 7.93 3.34
CA TYR B 232 26.18 8.58 2.20
C TYR B 232 25.84 7.50 1.21
N ALA B 233 24.89 7.78 0.32
CA ALA B 233 24.43 6.79 -0.63
C ALA B 233 23.69 7.46 -1.76
N SER B 234 23.18 6.67 -2.68
CA SER B 234 22.39 7.20 -3.77
C SER B 234 21.15 6.34 -4.03
N ASP B 235 20.13 6.94 -4.61
CA ASP B 235 18.95 6.20 -5.05
C ASP B 235 19.27 5.51 -6.37
N PRO B 236 18.69 4.32 -6.59
CA PRO B 236 18.97 3.62 -7.85
C PRO B 236 18.19 4.23 -9.02
N PHE B 237 18.66 5.37 -9.54
CA PHE B 237 17.99 6.02 -10.66
C PHE B 237 18.07 5.12 -11.89
N PHE B 238 17.24 5.39 -12.89
CA PHE B 238 17.13 4.51 -14.05
C PHE B 238 17.90 5.03 -15.26
N GLY B 239 18.52 4.12 -15.99
CA GLY B 239 19.20 4.49 -17.22
C GLY B 239 20.55 5.14 -17.03
N ARG B 240 21.19 5.45 -18.15
CA ARG B 240 22.53 6.05 -18.15
C ARG B 240 22.56 7.43 -17.52
N VAL B 241 21.63 8.30 -17.91
CA VAL B 241 21.54 9.63 -17.31
C VAL B 241 21.25 9.53 -15.81
N GLY B 242 20.50 8.49 -15.44
CA GLY B 242 20.21 8.20 -14.04
C GLY B 242 21.46 7.96 -13.23
N GLN B 243 22.48 7.38 -13.86
CA GLN B 243 23.75 7.13 -13.21
C GLN B 243 24.43 8.43 -12.79
N MET B 244 24.33 9.45 -13.64
CA MET B 244 24.95 10.74 -13.35
C MET B 244 24.22 11.46 -12.21
N LYS B 245 22.89 11.41 -12.25
CA LYS B 245 22.08 11.97 -11.16
C LYS B 245 22.49 11.35 -9.83
N ALA B 246 22.70 10.04 -9.84
CA ALA B 246 23.16 9.32 -8.67
C ALA B 246 24.54 9.82 -8.20
N VAL B 247 25.43 10.03 -9.16
CA VAL B 247 26.77 10.50 -8.87
C VAL B 247 26.69 11.83 -8.14
N SER B 248 25.90 12.74 -8.70
CA SER B 248 25.69 14.05 -8.14
C SER B 248 25.05 13.97 -6.76
N GLN B 249 24.15 13.00 -6.57
CA GLN B 249 23.44 12.83 -5.31
C GLN B 249 24.41 12.45 -4.21
N LYS B 250 25.34 11.57 -4.56
CA LYS B 250 26.34 11.12 -3.60
C LYS B 250 27.31 12.27 -3.29
N GLN B 251 27.68 13.01 -4.33
CA GLN B 251 28.60 14.13 -4.16
C GLN B 251 28.01 15.24 -3.30
N GLN B 252 26.73 15.56 -3.53
CA GLN B 252 26.02 16.54 -2.71
C GLN B 252 25.62 16.00 -1.34
N GLN B 253 25.88 14.70 -1.11
CA GLN B 253 25.51 14.05 0.14
C GLN B 253 24.04 14.26 0.51
N LEU B 254 23.17 14.12 -0.48
CA LEU B 254 21.73 14.32 -0.28
C LEU B 254 21.04 13.15 0.42
N LYS B 255 21.72 12.01 0.51
CA LYS B 255 21.07 10.82 1.05
C LYS B 255 22.00 10.02 1.94
N PHE B 256 21.61 9.89 3.21
CA PHE B 256 22.29 8.98 4.10
C PHE B 256 21.40 7.77 4.36
N GLU B 257 22.02 6.65 4.66
CA GLU B 257 21.29 5.46 5.03
C GLU B 257 21.87 4.89 6.29
N LEU B 258 21.01 4.31 7.13
CA LEU B 258 21.48 3.52 8.25
C LEU B 258 21.46 2.09 7.78
N LEU B 259 22.65 1.50 7.76
CA LEU B 259 22.85 0.19 7.16
C LEU B 259 23.17 -0.85 8.20
N ILE B 260 22.46 -1.96 8.13
CA ILE B 260 22.60 -3.03 9.10
C ILE B 260 23.04 -4.28 8.34
N PRO B 261 24.12 -4.93 8.80
CA PRO B 261 24.56 -6.16 8.11
C PRO B 261 23.62 -7.31 8.45
N LEU B 262 22.85 -7.78 7.48
CA LEU B 262 21.97 -8.92 7.71
C LEU B 262 22.53 -10.20 7.07
N ARG B 263 22.75 -10.18 5.76
CA ARG B 263 23.39 -11.34 5.13
C ARG B 263 24.91 -11.24 5.24
N SER B 264 25.43 -10.02 5.12
CA SER B 264 26.87 -9.80 5.26
C SER B 264 27.17 -8.34 5.57
N GLU B 265 28.40 -8.07 6.01
CA GLU B 265 28.85 -6.70 6.18
C GLU B 265 29.23 -6.08 4.83
N GLU B 266 29.41 -6.93 3.82
CA GLU B 266 29.80 -6.45 2.49
C GLU B 266 28.63 -5.82 1.76
N GLN B 267 27.44 -6.39 1.95
CA GLN B 267 26.22 -5.86 1.36
C GLN B 267 25.17 -5.68 2.46
N PRO B 268 25.28 -4.58 3.24
CA PRO B 268 24.36 -4.40 4.35
C PRO B 268 23.00 -3.90 3.86
N THR B 269 22.01 -3.91 4.75
CA THR B 269 20.64 -3.57 4.35
C THR B 269 20.26 -2.20 4.88
N ALA B 270 19.81 -1.31 3.99
CA ALA B 270 19.41 0.03 4.38
C ALA B 270 18.04 -0.01 5.07
N CYS B 271 18.01 0.30 6.35
CA CYS B 271 16.80 0.18 7.16
C CYS B 271 16.18 1.54 7.48
N MET B 272 16.99 2.59 7.36
CA MET B 272 16.48 3.96 7.44
C MET B 272 17.19 4.77 6.39
N SER B 273 16.57 5.84 5.95
CA SER B 273 17.25 6.80 5.09
C SER B 273 16.95 8.21 5.54
N PHE B 274 17.87 9.11 5.24
CA PHE B 274 17.80 10.49 5.63
C PHE B 274 18.04 11.28 4.35
N ASN B 275 16.96 11.81 3.79
CA ASN B 275 16.97 12.36 2.45
C ASN B 275 16.76 13.87 2.39
N TYR B 276 17.61 14.55 1.64
CA TYR B 276 17.42 15.98 1.38
C TYR B 276 17.04 16.10 -0.10
N HIS B 277 15.91 16.73 -0.38
CA HIS B 277 15.38 16.82 -1.74
C HIS B 277 15.73 18.15 -2.40
N ARG B 278 16.39 19.02 -1.65
CA ARG B 278 16.58 20.41 -2.05
C ARG B 278 15.22 21.01 -2.41
N GLU B 279 15.13 21.73 -3.53
CA GLU B 279 13.91 22.46 -3.86
C GLU B 279 12.96 21.70 -4.81
N HIS B 280 13.28 20.45 -5.10
CA HIS B 280 12.54 19.67 -6.09
C HIS B 280 11.00 19.66 -5.89
N PHE B 281 10.55 19.29 -4.70
CA PHE B 281 9.12 19.24 -4.42
C PHE B 281 8.53 20.63 -4.21
N GLY B 282 9.32 21.52 -3.63
CA GLY B 282 8.84 22.87 -3.42
C GLY B 282 8.50 23.55 -4.74
N THR B 283 9.36 23.38 -5.74
CA THR B 283 9.16 23.95 -7.07
CA THR B 283 9.12 23.99 -7.04
C THR B 283 8.00 23.26 -7.78
N THR B 284 8.04 21.93 -7.78
CA THR B 284 7.01 21.13 -8.42
C THR B 284 5.61 21.51 -7.92
N TRP B 285 5.45 21.66 -6.62
CA TRP B 285 4.12 21.88 -6.08
C TRP B 285 3.81 23.33 -5.77
N GLY B 286 4.75 24.21 -6.12
CA GLY B 286 4.59 25.62 -5.87
C GLY B 286 4.52 25.93 -4.39
N ILE B 287 5.35 25.28 -3.58
CA ILE B 287 5.38 25.57 -2.14
C ILE B 287 6.40 26.68 -1.88
N GLN B 288 5.95 27.78 -1.29
CA GLN B 288 6.84 28.90 -0.98
C GLN B 288 7.09 28.96 0.52
N ASP B 289 8.35 29.09 0.92
CA ASP B 289 8.67 29.24 2.33
C ASP B 289 8.27 30.63 2.81
N ALA B 290 8.58 30.95 4.07
CA ALA B 290 8.14 32.20 4.66
C ALA B 290 8.85 33.43 4.08
N ASN B 291 9.97 33.23 3.41
CA ASN B 291 10.64 34.29 2.65
C ASN B 291 10.22 34.40 1.18
N GLY B 292 9.20 33.65 0.78
CA GLY B 292 8.70 33.72 -0.59
C GLY B 292 9.52 32.96 -1.62
N GLU B 293 10.49 32.18 -1.16
CA GLU B 293 11.31 31.36 -2.06
C GLU B 293 10.77 29.91 -2.12
N PRO B 294 11.06 29.19 -3.22
CA PRO B 294 10.57 27.81 -3.34
C PRO B 294 11.10 26.93 -2.21
N ALA B 295 10.19 26.26 -1.50
CA ALA B 295 10.57 25.53 -0.29
C ALA B 295 11.46 24.36 -0.56
N HIS B 296 12.33 24.05 0.39
CA HIS B 296 13.10 22.81 0.37
C HIS B 296 12.37 21.77 1.20
N THR B 297 12.66 20.50 0.97
CA THR B 297 12.05 19.46 1.76
C THR B 297 13.07 18.38 2.04
N GLY B 298 12.80 17.58 3.06
CA GLY B 298 13.61 16.43 3.37
C GLY B 298 12.78 15.49 4.21
N CYS B 299 13.23 14.25 4.35
CA CYS B 299 12.52 13.29 5.16
C CYS B 299 13.47 12.27 5.77
N VAL B 300 13.09 11.76 6.92
CA VAL B 300 13.73 10.61 7.51
C VAL B 300 12.74 9.45 7.35
N ALA B 301 13.20 8.35 6.76
CA ALA B 301 12.32 7.23 6.44
C ALA B 301 12.78 5.99 7.20
N PHE B 302 11.82 5.29 7.81
CA PHE B 302 12.07 4.05 8.52
C PHE B 302 11.40 2.93 7.74
N GLY B 303 12.16 1.91 7.39
CA GLY B 303 11.61 0.73 6.74
C GLY B 303 11.14 -0.22 7.82
N MET B 304 9.83 -0.27 8.05
CA MET B 304 9.29 -1.01 9.20
C MET B 304 9.51 -2.51 9.09
N ASP B 305 9.33 -3.05 7.89
CA ASP B 305 9.55 -4.46 7.67
C ASP B 305 11.04 -4.83 7.77
N ARG B 306 11.90 -3.95 7.28
CA ARG B 306 13.34 -4.19 7.39
C ARG B 306 13.83 -4.10 8.82
N LEU B 307 13.29 -3.12 9.57
CA LEU B 307 13.66 -3.02 10.98
C LEU B 307 13.22 -4.24 11.76
N ALA B 308 12.01 -4.71 11.50
CA ALA B 308 11.50 -5.89 12.18
C ALA B 308 12.39 -7.12 11.88
N VAL B 309 12.64 -7.34 10.60
CA VAL B 309 13.55 -8.41 10.19
C VAL B 309 14.94 -8.26 10.81
N ALA B 310 15.48 -7.04 10.81
CA ALA B 310 16.75 -6.78 11.49
C ALA B 310 16.68 -7.21 12.95
N MET B 311 15.57 -6.93 13.63
CA MET B 311 15.44 -7.28 15.04
C MET B 311 15.43 -8.79 15.24
N PHE B 312 14.66 -9.50 14.45
CA PHE B 312 14.59 -10.95 14.56
C PHE B 312 15.92 -11.62 14.17
N HIS B 313 16.60 -11.06 13.18
CA HIS B 313 17.89 -11.59 12.79
C HIS B 313 18.90 -11.41 13.93
N THR B 314 18.86 -10.25 14.55
CA THR B 314 19.84 -9.86 15.55
C THR B 314 19.59 -10.59 16.87
N HIS B 315 18.33 -10.65 17.29
CA HIS B 315 18.01 -11.16 18.62
C HIS B 315 17.30 -12.49 18.64
N GLY B 316 16.99 -13.04 17.48
CA GLY B 316 16.32 -14.32 17.40
C GLY B 316 14.82 -14.20 17.53
N THR B 317 14.10 -15.29 17.31
CA THR B 317 12.64 -15.27 17.26
C THR B 317 11.99 -15.62 18.58
N ASP B 318 12.81 -15.80 19.62
CA ASP B 318 12.30 -16.02 20.97
C ASP B 318 12.35 -14.71 21.72
N LEU B 319 11.19 -14.09 21.94
CA LEU B 319 11.12 -12.76 22.55
C LEU B 319 11.60 -12.73 24.00
N SER B 320 11.39 -13.82 24.73
CA SER B 320 11.80 -13.87 26.14
C SER B 320 13.32 -13.89 26.28
N ALA B 321 14.01 -14.25 25.21
CA ALA B 321 15.47 -14.28 25.21
C ALA B 321 16.12 -12.98 24.71
N TRP B 322 15.30 -11.98 24.41
CA TRP B 322 15.82 -10.68 23.97
C TRP B 322 16.46 -9.95 25.14
N PRO B 323 17.48 -9.12 24.88
CA PRO B 323 18.11 -8.34 25.96
C PRO B 323 17.08 -7.52 26.73
N ALA B 324 17.28 -7.38 28.04
CA ALA B 324 16.32 -6.72 28.91
C ALA B 324 16.07 -5.26 28.53
N LYS B 325 17.12 -4.55 28.14
CA LYS B 325 17.00 -3.15 27.75
C LYS B 325 16.20 -3.00 26.46
N VAL B 326 16.32 -3.99 25.58
CA VAL B 326 15.59 -3.96 24.33
C VAL B 326 14.12 -4.24 24.59
N ARG B 327 13.84 -5.27 25.38
CA ARG B 327 12.47 -5.58 25.80
C ARG B 327 11.84 -4.37 26.48
N ASP B 328 12.62 -3.68 27.29
CA ASP B 328 12.13 -2.53 28.03
C ASP B 328 11.76 -1.40 27.06
N ILE B 329 12.72 -1.02 26.22
CA ILE B 329 12.54 0.05 25.23
C ILE B 329 11.30 -0.19 24.37
N LEU B 330 11.01 -1.45 24.05
CA LEU B 330 9.85 -1.78 23.24
C LEU B 330 8.59 -2.01 24.08
N GLY B 331 8.71 -1.87 25.39
CA GLY B 331 7.59 -2.13 26.28
C GLY B 331 7.09 -3.57 26.24
N LEU B 332 7.97 -4.53 26.02
CA LEU B 332 7.58 -5.93 26.01
C LEU B 332 7.40 -6.49 27.43
N GLN B 333 8.02 -5.83 28.41
CA GLN B 333 8.01 -6.26 29.82
C GLN B 333 8.80 -7.55 30.03
N THR C 50 -44.27 -29.05 -5.14
CA THR C 50 -45.52 -28.28 -5.20
C THR C 50 -45.32 -26.96 -5.95
N PRO C 51 -46.37 -26.49 -6.64
CA PRO C 51 -46.41 -25.15 -7.24
C PRO C 51 -46.68 -24.06 -6.21
N GLN C 52 -46.36 -24.36 -4.95
CA GLN C 52 -46.46 -23.38 -3.88
C GLN C 52 -45.16 -23.40 -3.08
N ALA C 53 -44.48 -24.54 -3.12
CA ALA C 53 -43.21 -24.72 -2.43
C ALA C 53 -42.19 -23.68 -2.88
N LYS C 54 -41.56 -23.01 -1.92
CA LYS C 54 -40.52 -22.03 -2.19
C LYS C 54 -39.40 -22.68 -3.00
N LEU C 55 -38.96 -21.99 -4.06
CA LEU C 55 -38.02 -22.56 -5.01
C LEU C 55 -36.72 -23.04 -4.37
N VAL C 56 -36.23 -22.30 -3.37
CA VAL C 56 -34.96 -22.62 -2.72
C VAL C 56 -35.10 -23.72 -1.66
N ASP C 57 -36.34 -24.01 -1.28
CA ASP C 57 -36.61 -25.02 -0.25
C ASP C 57 -36.44 -26.44 -0.78
N VAL C 58 -36.75 -26.62 -2.06
CA VAL C 58 -36.63 -27.93 -2.70
C VAL C 58 -35.17 -28.32 -2.88
N GLY C 59 -34.30 -27.32 -2.96
CA GLY C 59 -32.86 -27.57 -3.06
C GLY C 59 -32.20 -26.89 -4.24
N LEU C 60 -32.83 -25.85 -4.77
CA LEU C 60 -32.24 -25.10 -5.88
C LEU C 60 -31.34 -23.96 -5.40
N THR C 61 -30.03 -24.22 -5.41
CA THR C 61 -29.05 -23.21 -5.02
C THR C 61 -28.77 -22.26 -6.18
N SER C 62 -27.69 -21.47 -6.06
CA SER C 62 -27.45 -20.36 -6.98
C SER C 62 -27.27 -20.80 -8.42
N MET C 63 -26.42 -21.81 -8.64
CA MET C 63 -26.15 -22.30 -9.98
C MET C 63 -27.37 -23.00 -10.58
N ASP C 64 -28.20 -23.55 -9.70
CA ASP C 64 -29.48 -24.13 -10.11
C ASP C 64 -30.40 -23.01 -10.59
N MET C 65 -30.45 -21.92 -9.82
CA MET C 65 -31.26 -20.76 -10.16
C MET C 65 -30.75 -20.05 -11.40
N VAL C 66 -29.44 -20.14 -11.63
CA VAL C 66 -28.85 -19.59 -12.84
C VAL C 66 -29.43 -20.29 -14.05
N ASN C 67 -29.34 -21.62 -14.07
CA ASN C 67 -29.88 -22.42 -15.16
C ASN C 67 -31.41 -22.37 -15.22
N LEU C 68 -32.02 -21.97 -14.11
CA LEU C 68 -33.48 -21.84 -14.06
C LEU C 68 -33.92 -20.59 -14.80
N MET C 69 -33.12 -19.54 -14.72
CA MET C 69 -33.38 -18.35 -15.50
C MET C 69 -33.07 -18.67 -16.96
N LEU C 70 -32.03 -19.48 -17.15
CA LEU C 70 -31.62 -19.92 -18.48
C LEU C 70 -32.64 -20.86 -19.12
N GLY C 71 -33.16 -21.79 -18.31
CA GLY C 71 -34.13 -22.76 -18.79
C GLY C 71 -35.46 -22.13 -19.20
N VAL C 72 -35.90 -21.14 -18.43
CA VAL C 72 -37.14 -20.41 -18.71
C VAL C 72 -36.99 -19.57 -19.98
N GLU C 73 -35.76 -19.25 -20.36
CA GLU C 73 -35.50 -18.57 -21.62
C GLU C 73 -35.80 -19.50 -22.81
N ALA C 74 -35.49 -20.78 -22.63
CA ALA C 74 -35.65 -21.78 -23.69
C ALA C 74 -37.12 -22.05 -24.05
N GLU C 75 -38.04 -21.49 -23.28
CA GLU C 75 -39.45 -21.72 -23.50
C GLU C 75 -40.12 -20.65 -24.38
N PHE C 76 -39.87 -19.38 -24.07
CA PHE C 76 -40.60 -18.30 -24.75
C PHE C 76 -39.78 -17.05 -24.98
N ASP C 77 -40.48 -15.94 -25.17
CA ASP C 77 -39.87 -14.64 -25.44
C ASP C 77 -39.11 -14.12 -24.22
N PHE C 78 -39.10 -14.91 -23.16
CA PHE C 78 -38.45 -14.56 -21.90
C PHE C 78 -37.00 -14.12 -22.08
N THR C 79 -36.72 -12.89 -21.68
CA THR C 79 -35.36 -12.38 -21.56
C THR C 79 -35.23 -11.84 -20.14
N ILE C 80 -36.26 -12.13 -19.33
CA ILE C 80 -36.37 -11.70 -17.93
C ILE C 80 -35.87 -10.27 -17.66
N GLU C 84 -35.06 -6.04 -14.84
CA GLU C 84 -34.30 -7.25 -14.56
C GLU C 84 -34.98 -8.12 -13.49
N ILE C 85 -34.28 -9.15 -13.05
CA ILE C 85 -34.84 -10.13 -12.11
C ILE C 85 -34.79 -9.68 -10.65
N THR C 86 -35.89 -9.90 -9.94
CA THR C 86 -36.03 -9.45 -8.54
C THR C 86 -36.40 -10.61 -7.62
N PRO C 87 -36.04 -10.52 -6.32
CA PRO C 87 -36.27 -11.62 -5.36
C PRO C 87 -37.71 -12.11 -5.25
N GLU C 88 -38.68 -11.20 -5.37
CA GLU C 88 -40.09 -11.53 -5.18
C GLU C 88 -40.64 -12.56 -6.17
N ASN C 89 -40.37 -12.35 -7.45
CA ASN C 89 -40.93 -13.19 -8.50
C ASN C 89 -40.31 -14.59 -8.63
N PHE C 90 -39.55 -15.00 -7.62
CA PHE C 90 -38.89 -16.30 -7.65
C PHE C 90 -39.01 -17.00 -6.30
N THR D 26 46.33 16.68 -23.20
CA THR D 26 46.31 17.96 -23.90
C THR D 26 45.87 19.09 -22.97
N ASP D 27 46.38 20.29 -23.23
CA ASP D 27 45.88 21.49 -22.58
C ASP D 27 44.58 21.88 -23.28
N VAL D 28 44.35 21.24 -24.42
CA VAL D 28 43.14 21.44 -25.22
C VAL D 28 41.91 20.91 -24.51
N ARG D 29 41.93 19.64 -24.14
CA ARG D 29 40.84 19.02 -23.40
C ARG D 29 40.55 19.80 -22.13
N ASN D 30 41.60 20.10 -21.37
CA ASN D 30 41.50 20.84 -20.12
C ASN D 30 40.78 22.17 -20.27
N ARG D 31 41.35 23.07 -21.06
CA ARG D 31 40.79 24.41 -21.24
C ARG D 31 39.38 24.40 -21.84
N ILE D 32 39.07 23.34 -22.59
CA ILE D 32 37.76 23.18 -23.20
C ILE D 32 36.73 22.71 -22.17
N ILE D 33 37.14 21.79 -21.30
CA ILE D 33 36.29 21.31 -20.22
C ILE D 33 35.97 22.47 -19.29
N LYS D 34 36.99 23.25 -18.93
CA LYS D 34 36.81 24.42 -18.08
C LYS D 34 35.83 25.41 -18.70
N LEU D 35 35.79 25.43 -20.03
CA LEU D 35 34.87 26.30 -20.76
C LEU D 35 33.42 25.85 -20.59
N VAL D 36 33.14 24.57 -20.88
CA VAL D 36 31.78 24.06 -20.74
C VAL D 36 31.33 24.09 -19.28
N LYS D 37 32.25 23.83 -18.36
CA LYS D 37 31.97 23.98 -16.93
C LYS D 37 31.70 25.45 -16.59
N GLY D 38 32.46 26.34 -17.22
CA GLY D 38 32.27 27.76 -17.05
C GLY D 38 31.00 28.26 -17.72
N ILE D 39 30.62 27.60 -18.81
CA ILE D 39 29.42 27.96 -19.56
C ILE D 39 28.16 27.56 -18.79
N LEU D 40 28.15 26.34 -18.28
CA LEU D 40 27.03 25.85 -17.46
C LEU D 40 26.92 26.64 -16.17
N GLU D 41 28.07 26.97 -15.59
CA GLU D 41 28.12 27.77 -14.37
C GLU D 41 27.47 29.12 -14.60
N GLN D 42 27.77 29.73 -15.74
CA GLN D 42 27.25 31.04 -16.10
C GLN D 42 25.72 31.08 -16.20
N ASN D 43 25.09 29.91 -16.23
CA ASN D 43 23.64 29.82 -16.30
C ASN D 43 22.95 30.20 -14.99
N ALA D 44 23.75 30.46 -13.96
CA ALA D 44 23.21 30.87 -12.66
C ALA D 44 24.09 31.94 -12.02
N LEU D 45 25.37 31.63 -11.82
CA LEU D 45 26.32 32.56 -11.22
C LEU D 45 27.72 32.34 -11.79
N ALA D 46 28.74 32.70 -11.01
CA ALA D 46 30.12 32.52 -11.43
C ALA D 46 31.02 32.16 -10.26
N ALA D 47 32.17 31.57 -10.56
CA ALA D 47 33.14 31.18 -9.54
C ALA D 47 34.52 30.89 -10.15
N ASP D 48 35.46 30.53 -9.28
CA ASP D 48 36.82 30.19 -9.71
C ASP D 48 36.95 28.69 -9.97
N VAL D 49 37.17 28.31 -11.22
CA VAL D 49 37.28 26.91 -11.58
C VAL D 49 38.72 26.46 -11.85
N THR D 50 39.25 25.65 -10.94
CA THR D 50 40.61 25.13 -11.05
C THR D 50 40.57 23.61 -11.28
N PRO D 51 41.69 23.01 -11.72
CA PRO D 51 41.67 21.56 -12.00
C PRO D 51 41.47 20.66 -10.78
N GLN D 52 42.04 21.01 -9.62
CA GLN D 52 41.91 20.16 -8.44
C GLN D 52 40.65 20.46 -7.61
N ALA D 53 39.94 21.53 -8.00
CA ALA D 53 38.70 21.92 -7.33
C ALA D 53 37.57 20.92 -7.63
N LYS D 54 36.91 20.45 -6.58
CA LYS D 54 35.79 19.52 -6.73
C LYS D 54 34.58 20.18 -7.38
N LEU D 55 34.02 19.50 -8.37
CA LEU D 55 32.88 20.02 -9.13
C LEU D 55 31.68 20.39 -8.25
N VAL D 56 31.44 19.58 -7.22
CA VAL D 56 30.33 19.84 -6.31
C VAL D 56 30.60 21.12 -5.51
N ASP D 57 31.86 21.36 -5.17
CA ASP D 57 32.26 22.57 -4.45
C ASP D 57 32.15 23.82 -5.33
N VAL D 58 32.41 23.66 -6.62
CA VAL D 58 32.21 24.72 -7.60
C VAL D 58 30.78 25.23 -7.55
N GLY D 59 29.83 24.32 -7.38
CA GLY D 59 28.43 24.67 -7.25
C GLY D 59 27.50 23.95 -8.23
N LEU D 60 28.04 22.93 -8.90
CA LEU D 60 27.24 22.18 -9.85
C LEU D 60 26.22 21.28 -9.16
N THR D 61 24.96 21.42 -9.57
CA THR D 61 23.88 20.55 -9.09
C THR D 61 23.71 19.36 -10.02
N SER D 62 22.64 18.58 -9.83
CA SER D 62 22.45 17.34 -10.57
C SER D 62 22.15 17.56 -12.06
N MET D 63 21.28 18.51 -12.36
CA MET D 63 20.98 18.79 -13.76
C MET D 63 22.17 19.46 -14.45
N ASP D 64 22.99 20.16 -13.66
CA ASP D 64 24.26 20.68 -14.15
C ASP D 64 25.19 19.53 -14.54
N MET D 65 25.31 18.55 -13.65
CA MET D 65 26.18 17.41 -13.91
C MET D 65 25.68 16.61 -15.10
N VAL D 66 24.36 16.54 -15.25
CA VAL D 66 23.74 15.92 -16.42
C VAL D 66 24.11 16.71 -17.67
N ASN D 67 23.87 18.01 -17.63
CA ASN D 67 24.21 18.91 -18.74
C ASN D 67 25.70 18.93 -19.06
N LEU D 68 26.53 18.78 -18.03
CA LEU D 68 27.97 18.79 -18.22
C LEU D 68 28.45 17.50 -18.88
N MET D 69 27.81 16.39 -18.52
CA MET D 69 28.16 15.10 -19.11
C MET D 69 27.82 15.07 -20.60
N LEU D 70 26.73 15.73 -20.97
CA LEU D 70 26.32 15.84 -22.36
C LEU D 70 27.17 16.85 -23.14
N GLY D 71 27.54 17.93 -22.48
CA GLY D 71 28.38 18.96 -23.08
C GLY D 71 29.80 18.47 -23.33
N VAL D 72 30.13 17.32 -22.76
CA VAL D 72 31.44 16.70 -22.92
C VAL D 72 31.37 15.57 -23.95
N GLU D 73 30.30 14.78 -23.90
CA GLU D 73 30.07 13.71 -24.87
C GLU D 73 29.85 14.28 -26.28
N ALA D 74 29.37 15.51 -26.36
CA ALA D 74 29.17 16.19 -27.64
C ALA D 74 30.46 16.87 -28.11
N GLU D 75 31.20 17.43 -27.16
CA GLU D 75 32.42 18.18 -27.45
C GLU D 75 33.52 17.30 -28.04
N PHE D 76 33.63 16.07 -27.55
CA PHE D 76 34.73 15.20 -27.95
C PHE D 76 34.29 13.98 -28.76
N ASP D 77 33.09 14.05 -29.33
CA ASP D 77 32.57 13.03 -30.25
C ASP D 77 32.71 11.60 -29.74
N PHE D 78 32.49 11.41 -28.45
CA PHE D 78 32.58 10.07 -27.88
C PHE D 78 31.43 9.83 -26.90
N THR D 79 31.28 8.57 -26.50
CA THR D 79 30.28 8.19 -25.52
C THR D 79 30.96 7.62 -24.29
N ILE D 80 30.64 8.18 -23.13
CA ILE D 80 31.17 7.65 -21.88
C ILE D 80 30.46 6.33 -21.59
N PRO D 81 31.24 5.25 -21.42
CA PRO D 81 30.69 3.98 -20.96
C PRO D 81 30.01 4.19 -19.61
N GLN D 82 28.83 3.61 -19.41
CA GLN D 82 28.12 3.77 -18.15
C GLN D 82 29.01 3.34 -16.99
N SER D 83 29.89 2.39 -17.27
CA SER D 83 30.87 1.87 -16.32
C SER D 83 31.78 2.97 -15.75
N GLU D 84 31.90 4.07 -16.48
CA GLU D 84 32.80 5.15 -16.10
C GLU D 84 32.07 6.38 -15.55
N ILE D 85 30.73 6.33 -15.53
CA ILE D 85 29.94 7.39 -14.93
C ILE D 85 29.94 7.21 -13.42
N THR D 86 30.92 7.84 -12.77
CA THR D 86 31.21 7.61 -11.36
C THR D 86 31.70 8.89 -10.69
N PRO D 87 31.59 8.97 -9.35
CA PRO D 87 32.09 10.14 -8.63
C PRO D 87 33.61 10.27 -8.76
N GLU D 88 34.29 9.14 -8.91
CA GLU D 88 35.73 9.12 -9.10
C GLU D 88 36.14 9.96 -10.31
N ASN D 89 35.53 9.67 -11.47
CA ASN D 89 35.83 10.38 -12.70
C ASN D 89 35.21 11.78 -12.80
N PHE D 90 34.15 12.03 -12.05
CA PHE D 90 33.47 13.33 -12.14
C PHE D 90 33.66 14.19 -10.89
N GLN D 91 34.69 13.88 -10.12
CA GLN D 91 35.04 14.62 -8.91
C GLN D 91 35.50 16.06 -9.20
N SER D 92 36.50 16.19 -10.07
CA SER D 92 37.09 17.48 -10.42
C SER D 92 37.40 17.56 -11.91
N VAL D 93 37.66 18.76 -12.40
CA VAL D 93 38.07 18.96 -13.80
C VAL D 93 39.25 18.06 -14.16
N GLU D 94 40.22 17.97 -13.25
CA GLU D 94 41.36 17.08 -13.41
C GLU D 94 40.94 15.63 -13.64
N THR D 95 40.17 15.08 -12.70
CA THR D 95 39.73 13.69 -12.78
C THR D 95 38.88 13.44 -14.02
N LEU D 96 38.27 14.51 -14.53
CA LEU D 96 37.41 14.43 -15.69
C LEU D 96 38.22 14.35 -16.99
N GLU D 97 39.19 15.25 -17.13
CA GLU D 97 40.10 15.22 -18.28
C GLU D 97 40.86 13.90 -18.35
N ARG D 98 41.21 13.36 -17.18
CA ARG D 98 41.84 12.04 -17.08
C ARG D 98 40.94 10.95 -17.68
N MET D 99 39.63 11.20 -17.69
CA MET D 99 38.67 10.28 -18.29
C MET D 99 38.47 10.56 -19.78
N VAL D 100 38.32 11.82 -20.15
CA VAL D 100 38.14 12.19 -21.55
C VAL D 100 39.35 11.76 -22.37
N MET D 101 40.54 11.99 -21.82
CA MET D 101 41.77 11.70 -22.55
C MET D 101 42.05 10.22 -22.70
N THR D 102 41.54 9.40 -21.77
CA THR D 102 41.78 7.95 -21.83
C THR D 102 40.95 7.29 -22.94
N GLN D 103 40.29 8.12 -23.74
CA GLN D 103 39.45 7.69 -24.86
C GLN D 103 39.76 8.58 -26.06
ZN ZN E . -14.26 -12.85 3.94
PG ATP F . -22.01 -2.58 -0.29
O1G ATP F . -23.41 -2.90 -0.90
O2G ATP F . -22.03 -1.75 1.00
O3G ATP F . -21.04 -1.93 -1.31
PB ATP F . -20.43 -5.23 0.17
O1B ATP F . -21.24 -6.40 0.61
O2B ATP F . -19.82 -5.00 -1.22
O3B ATP F . -21.22 -3.88 0.18
PA ATP F . -18.50 -6.87 1.70
O1A ATP F . -18.08 -7.40 0.38
O2A ATP F . -19.43 -7.66 2.63
O3A ATP F . -19.20 -5.50 1.19
O5' ATP F . -17.21 -6.44 2.63
C5' ATP F . -17.21 -6.45 4.07
C4' ATP F . -17.32 -5.06 4.66
O4' ATP F . -16.37 -4.16 4.04
C3' ATP F . -18.66 -4.37 4.46
O3' ATP F . -19.57 -4.81 5.46
C2' ATP F . -18.30 -2.90 4.66
O2' ATP F . -18.36 -2.59 6.05
C1' ATP F . -16.86 -2.83 4.13
N9 ATP F . -16.78 -2.23 2.79
C8 ATP F . -17.12 -2.84 1.62
N7 ATP F . -17.09 -2.05 0.57
C5 ATP F . -16.67 -0.84 1.10
C6 ATP F . -16.40 0.41 0.49
N6 ATP F . -16.42 0.60 -0.82
N1 ATP F . -15.98 1.41 1.30
C2 ATP F . -15.81 1.17 2.60
N3 ATP F . -16.01 0.03 3.27
C4 ATP F . -16.47 -0.94 2.46
MG MG G . -18.24 -2.97 -2.09
ZN ZN H . 10.15 10.45 2.00
PG ATP I . 17.53 -0.42 -1.38
O1G ATP I . 17.58 -1.45 -0.33
O2G ATP I . 16.72 -0.88 -2.60
O3G ATP I . 18.92 0.04 -1.83
PB ATP I . 16.07 2.37 -1.31
O1B ATP I . 17.02 3.50 -1.22
O2B ATP I . 15.37 1.98 -2.62
O3B ATP I . 16.75 0.96 -1.09
PA ATP I . 14.46 4.39 0.05
O1A ATP I . 13.73 4.76 -1.18
O2A ATP I . 15.65 5.13 0.66
O3A ATP I . 14.87 2.87 -0.33
O5' ATP I . 13.58 4.59 1.35
C5' ATP I . 12.78 3.44 1.62
C4' ATP I . 13.13 2.76 2.93
O4' ATP I . 12.15 1.72 3.07
C3' ATP I . 14.50 2.07 3.01
O3' ATP I . 15.37 2.75 3.92
C2' ATP I . 14.19 0.69 3.60
O2' ATP I . 14.26 0.65 5.02
C1' ATP I . 12.74 0.46 3.17
N9 ATP I . 12.57 -0.24 1.91
C8 ATP I . 12.85 0.21 0.64
N7 ATP I . 12.73 -0.71 -0.29
C5 ATP I . 12.32 -1.83 0.41
C6 ATP I . 12.01 -3.13 -0.01
N6 ATP I . 12.07 -3.53 -1.28
N1 ATP I . 11.63 -4.01 0.94
C2 ATP I . 11.54 -3.60 2.22
N3 ATP I . 11.81 -2.39 2.72
C4 ATP I . 12.21 -1.55 1.76
S SO4 J . -11.49 -5.27 -25.42
O1 SO4 J . -12.52 -4.89 -26.39
O2 SO4 J . -12.09 -5.36 -24.09
O3 SO4 J . -10.93 -6.56 -25.79
O4 SO4 J . -10.42 -4.27 -25.43
MG MG K . 15.30 0.57 -4.08
C ACT L . 3.90 -21.30 5.06
O ACT L . 2.68 -21.31 4.76
OXT ACT L . 4.68 -20.79 4.21
CH3 ACT L . 4.42 -21.85 6.36
O23 PNS M . -23.24 -21.85 -5.74
P24 PNS M . -24.40 -20.91 -5.34
O25 PNS M . -25.48 -21.61 -4.50
O27 PNS M . -23.80 -19.68 -4.49
C28 PNS M . -23.11 -19.80 -3.23
C29 PNS M . -21.78 -19.04 -3.37
C30 PNS M . -21.09 -18.92 -2.01
C31 PNS M . -20.86 -19.75 -4.36
C32 PNS M . -22.09 -17.60 -3.90
O33 PNS M . -23.20 -17.03 -3.24
C34 PNS M . -20.90 -16.63 -3.73
O35 PNS M . -19.96 -16.67 -4.52
N36 PNS M . -20.96 -15.76 -2.72
C37 PNS M . -19.91 -14.79 -2.44
C38 PNS M . -18.75 -15.44 -1.73
C39 PNS M . -17.57 -14.51 -1.62
O40 PNS M . -17.21 -13.81 -2.57
N41 PNS M . -16.93 -14.52 -0.45
C42 PNS M . -15.66 -13.83 -0.22
C43 PNS M . -15.86 -12.65 0.70
S44 PNS M . -17.37 -13.00 1.65
O23 PNS N . 18.48 18.76 -8.72
P24 PNS N . 19.58 17.70 -8.52
O25 PNS N . 20.72 18.26 -7.65
O27 PNS N . 18.96 16.42 -7.80
C28 PNS N . 18.36 16.43 -6.49
C29 PNS N . 17.09 15.59 -6.57
C30 PNS N . 16.40 15.58 -5.21
C31 PNS N . 16.13 16.17 -7.62
C32 PNS N . 17.45 14.14 -6.98
O33 PNS N . 18.56 13.64 -6.25
C34 PNS N . 16.27 13.17 -6.75
O35 PNS N . 15.37 13.14 -7.59
N36 PNS N . 16.28 12.41 -5.67
C37 PNS N . 15.24 11.42 -5.38
C38 PNS N . 14.07 12.02 -4.64
C39 PNS N . 13.01 10.97 -4.34
O40 PNS N . 12.63 10.21 -5.21
N41 PNS N . 12.56 10.94 -3.09
C42 PNS N . 11.59 9.96 -2.64
C43 PNS N . 11.12 10.27 -1.21
S44 PNS N . 12.57 10.02 -0.14
#